data_3RFV
#
_entry.id   3RFV
#
_cell.length_a   165.390
_cell.length_b   165.390
_cell.length_c   173.630
_cell.angle_alpha   90.00
_cell.angle_beta   90.00
_cell.angle_gamma   120.00
#
_symmetry.space_group_name_H-M   'P 62 2 2'
#
loop_
_entity.id
_entity.type
_entity.pdbx_description
1 polymer 'Uronate dehydrogenase'
2 non-polymer '1,4-DIHYDRONICOTINAMIDE ADENINE DINUCLEOTIDE'
3 non-polymer D-galactaro-1,5-lactone
4 non-polymer 'PHOSPHATE ION'
5 water water
#
_entity_poly.entity_id   1
_entity_poly.type   'polypeptide(L)'
_entity_poly.pdbx_seq_one_letter_code
;MAMKRLLVTGAAGQLGRVMRERLAPMAEILRLADLSPLDPAGPNEECVQCDLADANAVNAMVAGCDGIVHLGGISVEKPF
EQILQGNIIGLYNLYEAARAHGQPRIVFASSNHTIGYYPQTERLGPDVPARPDGLYGVSKCFGENLARMYFDKFGQETAL
VRIGSCTPEPNNYRMLSTWFSHDDFVSLIEAVFRAPVLGCPVVWGASANDAGWWDNSHLGFLGWKPKDNAEAFRRHITET
TPPPDPNDALVRFQGGTFVDNPIFKQS
;
_entity_poly.pdbx_strand_id   A,B,C
#
loop_
_chem_comp.id
_chem_comp.type
_chem_comp.name
_chem_comp.formula
15L D-saccharide D-galactaro-1,5-lactone 'C6 H8 O7'
NAI non-polymer '1,4-DIHYDRONICOTINAMIDE ADENINE DINUCLEOTIDE' 'C21 H29 N7 O14 P2'
PO4 non-polymer 'PHOSPHATE ION' 'O4 P -3'
#
# COMPACT_ATOMS: atom_id res chain seq x y z
N ALA A 2 11.17 2.79 32.64
CA ALA A 2 11.16 3.27 31.26
C ALA A 2 11.41 4.77 31.20
N MET A 3 10.37 5.54 30.88
CA MET A 3 10.51 6.99 30.78
C MET A 3 10.69 7.63 32.16
N LYS A 4 11.15 8.87 32.21
CA LYS A 4 11.43 9.46 33.52
C LYS A 4 10.17 9.92 34.24
N ARG A 5 9.32 10.67 33.55
CA ARG A 5 8.14 11.23 34.18
C ARG A 5 6.88 11.11 33.30
N LEU A 6 5.92 10.36 33.79
CA LEU A 6 4.63 10.22 33.12
C LEU A 6 3.59 11.05 33.84
N LEU A 7 2.91 11.93 33.11
CA LEU A 7 1.80 12.67 33.69
C LEU A 7 0.49 11.91 33.51
N VAL A 8 -0.28 11.79 34.60
CA VAL A 8 -1.67 11.31 34.51
C VAL A 8 -2.60 12.41 35.00
N THR A 9 -3.37 13.00 34.08
CA THR A 9 -4.37 13.99 34.49
C THR A 9 -5.65 13.28 34.92
N GLY A 10 -6.58 14.03 35.53
CA GLY A 10 -7.80 13.46 36.08
C GLY A 10 -7.52 12.35 37.08
N ALA A 11 -6.41 12.49 37.80
CA ALA A 11 -5.90 11.40 38.62
C ALA A 11 -6.73 11.12 39.87
N ALA A 12 -7.69 11.99 40.16
CA ALA A 12 -8.57 11.77 41.32
C ALA A 12 -9.86 11.05 40.92
N GLY A 13 -10.09 10.90 39.61
CA GLY A 13 -11.32 10.30 39.12
C GLY A 13 -11.24 8.79 39.07
N GLN A 14 -12.29 8.17 38.53
CA GLN A 14 -12.39 6.72 38.51
C GLN A 14 -11.21 6.04 37.81
N LEU A 15 -11.01 6.37 36.54
CA LEU A 15 -9.92 5.77 35.77
C LEU A 15 -8.55 6.25 36.27
N GLY A 16 -8.50 7.51 36.69
CA GLY A 16 -7.29 8.08 37.25
C GLY A 16 -6.72 7.31 38.43
N ARG A 17 -7.58 6.96 39.39
CA ARG A 17 -7.13 6.21 40.56
C ARG A 17 -6.63 4.83 40.14
N VAL A 18 -7.26 4.25 39.13
CA VAL A 18 -6.79 2.97 38.60
C VAL A 18 -5.39 3.10 37.99
N MET A 19 -5.20 4.15 37.18
CA MET A 19 -3.94 4.31 36.46
C MET A 19 -2.80 4.76 37.39
N ARG A 20 -3.14 5.51 38.42
CA ARG A 20 -2.15 5.90 39.41
C ARG A 20 -1.44 4.65 39.91
N GLU A 21 -2.21 3.59 40.16
CA GLU A 21 -1.64 2.32 40.56
C GLU A 21 -1.04 1.54 39.38
N ARG A 22 -1.83 1.37 38.32
CA ARG A 22 -1.43 0.47 37.22
C ARG A 22 -0.26 0.96 36.37
N LEU A 23 -0.12 2.27 36.21
CA LEU A 23 0.90 2.83 35.32
C LEU A 23 2.22 3.15 36.04
N ALA A 24 2.26 2.93 37.35
CA ALA A 24 3.45 3.24 38.14
C ALA A 24 4.71 2.65 37.53
N PRO A 25 4.68 1.37 37.13
CA PRO A 25 5.88 0.71 36.58
C PRO A 25 6.37 1.29 35.25
N MET A 26 5.57 2.13 34.60
CA MET A 26 5.97 2.66 33.29
C MET A 26 6.98 3.79 33.38
N ALA A 27 7.06 4.45 34.52
CA ALA A 27 7.93 5.61 34.65
C ALA A 27 8.63 5.67 36.01
N GLU A 28 9.79 6.33 36.04
CA GLU A 28 10.51 6.49 37.30
C GLU A 28 9.69 7.36 38.23
N ILE A 29 9.08 8.39 37.67
CA ILE A 29 8.23 9.29 38.43
C ILE A 29 6.84 9.36 37.79
N LEU A 30 5.82 9.22 38.62
CA LEU A 30 4.46 9.39 38.19
C LEU A 30 3.97 10.72 38.72
N ARG A 31 3.55 11.62 37.85
CA ARG A 31 2.96 12.87 38.28
C ARG A 31 1.47 12.83 38.08
N LEU A 32 0.74 12.95 39.19
CA LEU A 32 -0.72 12.89 39.16
C LEU A 32 -1.26 14.29 39.26
N ALA A 33 -2.29 14.59 38.48
CA ALA A 33 -2.87 15.92 38.51
C ALA A 33 -4.39 15.85 38.45
N ASP A 34 -5.04 16.86 39.03
CA ASP A 34 -6.49 16.94 39.04
C ASP A 34 -6.88 18.27 39.62
N LEU A 35 -8.08 18.74 39.29
CA LEU A 35 -8.62 19.94 39.90
C LEU A 35 -9.00 19.61 41.35
N SER A 36 -9.29 18.33 41.61
CA SER A 36 -9.67 17.86 42.94
C SER A 36 -8.45 17.48 43.75
N PRO A 37 -8.59 17.46 45.09
CA PRO A 37 -7.49 17.04 45.95
C PRO A 37 -7.06 15.61 45.66
N LEU A 38 -5.76 15.33 45.73
CA LEU A 38 -5.24 13.99 45.51
C LEU A 38 -4.71 13.42 46.81
N ASP A 39 -4.83 12.11 46.99
CA ASP A 39 -4.12 11.45 48.08
C ASP A 39 -2.65 11.85 47.95
N PRO A 40 -2.03 12.22 49.08
CA PRO A 40 -0.66 12.75 49.13
C PRO A 40 0.33 11.91 48.32
N ALA A 41 1.33 12.56 47.74
CA ALA A 41 2.33 11.85 46.94
C ALA A 41 3.10 10.83 47.78
N GLY A 42 3.15 9.60 47.29
CA GLY A 42 4.00 8.59 47.87
C GLY A 42 5.37 8.67 47.22
N PRO A 43 6.25 7.71 47.54
CA PRO A 43 7.56 7.70 46.88
C PRO A 43 7.38 7.57 45.37
N ASN A 44 8.21 8.25 44.61
CA ASN A 44 8.14 8.15 43.15
C ASN A 44 6.85 8.72 42.57
N GLU A 45 6.19 9.58 43.35
CA GLU A 45 5.03 10.32 42.87
C GLU A 45 5.20 11.81 43.10
N GLU A 46 4.64 12.61 42.20
CA GLU A 46 4.42 14.02 42.42
C GLU A 46 2.93 14.26 42.25
N CYS A 47 2.35 15.13 43.07
CA CYS A 47 0.93 15.43 42.95
C CYS A 47 0.70 16.90 42.71
N VAL A 48 -0.18 17.22 41.77
CA VAL A 48 -0.41 18.58 41.37
C VAL A 48 -1.90 18.89 41.37
N GLN A 49 -2.26 20.05 41.91
CA GLN A 49 -3.63 20.50 41.87
C GLN A 49 -3.70 21.65 40.87
N CYS A 50 -4.46 21.47 39.79
CA CYS A 50 -4.64 22.56 38.84
C CYS A 50 -5.86 22.40 37.96
N ASP A 51 -6.44 23.54 37.61
CA ASP A 51 -7.58 23.59 36.71
C ASP A 51 -7.06 23.55 35.28
N LEU A 52 -7.54 22.59 34.49
CA LEU A 52 -7.16 22.49 33.08
C LEU A 52 -7.43 23.79 32.34
N ALA A 53 -8.31 24.62 32.89
CA ALA A 53 -8.67 25.88 32.24
C ALA A 53 -7.64 26.97 32.48
N ASP A 54 -6.69 26.70 33.38
CA ASP A 54 -5.66 27.66 33.75
C ASP A 54 -4.37 27.41 32.96
N ALA A 55 -4.15 28.21 31.92
CA ALA A 55 -3.07 27.96 30.96
C ALA A 55 -1.71 27.82 31.62
N ASN A 56 -1.38 28.77 32.49
CA ASN A 56 -0.10 28.75 33.20
C ASN A 56 0.06 27.53 34.09
N ALA A 57 -0.99 27.21 34.85
CA ALA A 57 -0.93 26.02 35.68
C ALA A 57 -0.74 24.76 34.83
N VAL A 58 -1.46 24.68 33.71
CA VAL A 58 -1.28 23.55 32.80
C VAL A 58 0.16 23.47 32.25
N ASN A 59 0.70 24.60 31.82
CA ASN A 59 2.10 24.63 31.38
C ASN A 59 3.03 24.01 32.43
N ALA A 60 2.89 24.46 33.67
CA ALA A 60 3.73 23.94 34.75
C ALA A 60 3.44 22.46 35.02
N MET A 61 2.18 22.07 34.89
CA MET A 61 1.79 20.67 35.10
C MET A 61 2.52 19.75 34.11
N VAL A 62 2.65 20.21 32.87
CA VAL A 62 3.22 19.39 31.80
C VAL A 62 4.75 19.42 31.74
N ALA A 63 5.32 20.60 32.04
CA ALA A 63 6.77 20.78 31.98
C ALA A 63 7.50 19.67 32.70
N GLY A 64 8.45 19.03 32.02
CA GLY A 64 9.22 17.97 32.63
C GLY A 64 8.66 16.57 32.45
N CYS A 65 7.53 16.44 31.77
CA CYS A 65 6.93 15.12 31.55
C CYS A 65 7.24 14.56 30.18
N ASP A 66 7.54 13.27 30.13
CA ASP A 66 7.91 12.59 28.90
C ASP A 66 6.71 11.93 28.22
N GLY A 67 5.55 11.98 28.87
CA GLY A 67 4.35 11.35 28.35
C GLY A 67 3.14 11.84 29.12
N ILE A 68 1.97 11.80 28.48
CA ILE A 68 0.75 12.21 29.12
C ILE A 68 -0.38 11.22 28.87
N VAL A 69 -1.01 10.75 29.94
CA VAL A 69 -2.28 10.06 29.82
C VAL A 69 -3.33 11.05 30.27
N HIS A 70 -4.07 11.61 29.32
CA HIS A 70 -5.00 12.69 29.62
C HIS A 70 -6.42 12.19 29.91
N LEU A 71 -6.70 11.99 31.20
CA LEU A 71 -8.01 11.50 31.67
C LEU A 71 -8.86 12.61 32.25
N GLY A 72 -8.25 13.76 32.52
CA GLY A 72 -8.94 14.86 33.15
C GLY A 72 -9.93 15.58 32.27
N GLY A 73 -11.05 15.97 32.87
CA GLY A 73 -12.06 16.71 32.15
C GLY A 73 -13.46 16.30 32.59
N ILE A 74 -14.47 16.87 31.94
CA ILE A 74 -15.84 16.50 32.22
C ILE A 74 -16.10 15.14 31.56
N SER A 75 -16.62 14.19 32.32
CA SER A 75 -16.75 12.81 31.86
C SER A 75 -18.17 12.37 31.51
N VAL A 76 -19.16 13.22 31.75
CA VAL A 76 -20.54 12.88 31.42
C VAL A 76 -21.21 14.10 30.84
N GLU A 77 -22.45 13.94 30.38
CA GLU A 77 -23.15 15.10 29.83
C GLU A 77 -23.40 16.12 30.93
N LYS A 78 -23.06 17.38 30.65
CA LYS A 78 -23.20 18.44 31.64
C LYS A 78 -23.52 19.73 30.91
N PRO A 79 -23.84 20.80 31.67
CA PRO A 79 -24.08 22.07 31.00
C PRO A 79 -22.86 22.53 30.22
N PHE A 80 -23.08 23.31 29.16
CA PHE A 80 -22.01 23.76 28.28
C PHE A 80 -20.84 24.42 29.01
N GLU A 81 -21.16 25.30 29.96
CA GLU A 81 -20.12 26.06 30.68
C GLU A 81 -19.03 25.19 31.29
N GLN A 82 -19.42 24.08 31.90
CA GLN A 82 -18.46 23.19 32.54
C GLN A 82 -17.65 22.42 31.49
N ILE A 83 -18.32 22.01 30.42
CA ILE A 83 -17.64 21.23 29.38
C ILE A 83 -16.64 22.12 28.64
N LEU A 84 -17.06 23.34 28.34
CA LEU A 84 -16.20 24.36 27.75
C LEU A 84 -14.90 24.49 28.53
N GLN A 85 -15.01 24.57 29.86
CA GLN A 85 -13.84 24.75 30.71
C GLN A 85 -12.89 23.54 30.69
N GLY A 86 -13.43 22.37 30.94
CA GLY A 86 -12.59 21.20 31.14
C GLY A 86 -12.14 20.52 29.85
N ASN A 87 -12.96 20.61 28.81
CA ASN A 87 -12.80 19.76 27.62
C ASN A 87 -12.45 20.52 26.35
N ILE A 88 -12.72 21.81 26.36
CA ILE A 88 -12.44 22.66 25.20
C ILE A 88 -11.26 23.58 25.48
N ILE A 89 -11.48 24.59 26.33
CA ILE A 89 -10.39 25.41 26.82
C ILE A 89 -9.27 24.54 27.39
N GLY A 90 -9.64 23.55 28.18
CA GLY A 90 -8.65 22.68 28.81
C GLY A 90 -7.80 21.90 27.81
N LEU A 91 -8.40 21.50 26.69
CA LEU A 91 -7.66 20.76 25.66
C LEU A 91 -6.66 21.67 24.96
N TYR A 92 -7.09 22.89 24.65
CA TYR A 92 -6.20 23.86 24.04
C TYR A 92 -4.98 24.10 24.93
N ASN A 93 -5.21 24.27 26.23
CA ASN A 93 -4.12 24.51 27.17
C ASN A 93 -3.17 23.32 27.26
N LEU A 94 -3.73 22.12 27.27
CA LEU A 94 -2.89 20.93 27.29
C LEU A 94 -1.97 20.84 26.06
N TYR A 95 -2.52 21.08 24.87
CA TYR A 95 -1.76 20.98 23.64
C TYR A 95 -0.71 22.09 23.48
N GLU A 96 -1.07 23.31 23.89
CA GLU A 96 -0.09 24.39 23.96
C GLU A 96 1.03 24.03 24.94
N ALA A 97 0.66 23.49 26.09
CA ALA A 97 1.66 23.13 27.11
C ALA A 97 2.64 22.09 26.60
N ALA A 98 2.11 21.06 25.95
CA ALA A 98 2.94 20.01 25.36
C ALA A 98 3.84 20.60 24.27
N ARG A 99 3.28 21.49 23.46
CA ARG A 99 4.03 22.06 22.35
C ARG A 99 5.24 22.87 22.87
N ALA A 100 5.06 23.48 24.05
CA ALA A 100 6.12 24.28 24.66
C ALA A 100 7.15 23.44 25.41
N HIS A 101 6.83 22.17 25.66
CA HIS A 101 7.71 21.33 26.46
C HIS A 101 8.10 19.99 25.82
N GLY A 102 8.44 20.02 24.54
CA GLY A 102 9.01 18.85 23.90
C GLY A 102 7.99 17.90 23.29
N GLN A 103 6.71 18.30 23.30
CA GLN A 103 5.64 17.51 22.69
C GLN A 103 5.62 16.06 23.19
N PRO A 104 5.53 15.88 24.51
CA PRO A 104 5.44 14.52 25.04
C PRO A 104 4.25 13.81 24.40
N ARG A 105 4.40 12.53 24.07
CA ARG A 105 3.32 11.75 23.47
C ARG A 105 2.08 11.71 24.39
N ILE A 106 0.90 11.84 23.78
CA ILE A 106 -0.35 11.91 24.54
C ILE A 106 -1.29 10.72 24.27
N VAL A 107 -1.79 10.12 25.35
CA VAL A 107 -2.94 9.22 25.23
C VAL A 107 -4.15 10.05 25.63
N PHE A 108 -5.00 10.36 24.66
CA PHE A 108 -6.19 11.15 24.92
C PHE A 108 -7.37 10.23 25.19
N ALA A 109 -7.99 10.38 26.37
CA ALA A 109 -9.24 9.68 26.63
C ALA A 109 -10.36 10.32 25.83
N SER A 110 -10.58 9.85 24.61
CA SER A 110 -11.76 10.27 23.88
C SER A 110 -12.91 9.38 24.35
N SER A 111 -13.98 9.29 23.57
CA SER A 111 -15.16 8.55 24.02
C SER A 111 -15.97 7.94 22.89
N ASN A 112 -16.61 6.82 23.18
CA ASN A 112 -17.61 6.24 22.28
C ASN A 112 -18.70 7.25 21.97
N HIS A 113 -18.92 8.19 22.88
CA HIS A 113 -19.99 9.17 22.66
C HIS A 113 -19.77 10.13 21.49
N THR A 114 -18.56 10.10 20.91
CA THR A 114 -18.30 10.80 19.65
C THR A 114 -19.13 10.20 18.52
N ILE A 115 -19.52 8.94 18.67
CA ILE A 115 -20.28 8.22 17.65
C ILE A 115 -21.56 7.61 18.24
N GLY A 116 -22.08 8.24 19.29
CA GLY A 116 -23.15 7.66 20.08
C GLY A 116 -24.46 7.44 19.34
N TYR A 117 -24.71 8.22 18.29
CA TYR A 117 -25.97 8.09 17.53
C TYR A 117 -26.01 6.98 16.47
N TYR A 118 -24.90 6.28 16.25
CA TYR A 118 -24.93 5.13 15.36
C TYR A 118 -25.72 4.00 16.00
N PRO A 119 -26.46 3.23 15.18
CA PRO A 119 -27.15 2.04 15.68
C PRO A 119 -26.13 0.99 16.09
N GLN A 120 -26.48 0.16 17.05
CA GLN A 120 -25.57 -0.87 17.54
C GLN A 120 -25.34 -1.97 16.52
N THR A 121 -26.20 -2.03 15.51
CA THR A 121 -26.08 -3.05 14.46
C THR A 121 -25.00 -2.71 13.43
N GLU A 122 -24.47 -1.49 13.48
CA GLU A 122 -23.50 -1.06 12.46
C GLU A 122 -22.07 -1.19 12.99
N ARG A 123 -21.23 -1.91 12.25
CA ARG A 123 -19.83 -2.07 12.61
C ARG A 123 -19.06 -0.84 12.12
N LEU A 124 -18.27 -0.21 12.98
CA LEU A 124 -17.61 1.05 12.65
C LEU A 124 -16.09 0.94 12.51
N GLY A 125 -15.55 1.47 11.41
CA GLY A 125 -14.12 1.68 11.29
C GLY A 125 -13.71 3.04 11.85
N PRO A 126 -12.39 3.28 11.99
CA PRO A 126 -11.89 4.52 12.59
C PRO A 126 -12.24 5.80 11.81
N ASP A 127 -12.55 5.71 10.53
CA ASP A 127 -12.82 6.90 9.73
C ASP A 127 -14.30 7.32 9.62
N VAL A 128 -15.22 6.64 10.30
CA VAL A 128 -16.63 7.02 10.17
C VAL A 128 -16.86 8.47 10.61
N PRO A 129 -17.80 9.14 9.97
CA PRO A 129 -18.15 10.50 10.37
C PRO A 129 -18.67 10.51 11.82
N ALA A 130 -18.29 11.54 12.56
CA ALA A 130 -18.72 11.69 13.95
C ALA A 130 -20.25 11.79 14.03
N ARG A 131 -20.83 11.21 15.06
CA ARG A 131 -22.23 11.43 15.38
C ARG A 131 -22.37 11.54 16.89
N PRO A 132 -21.86 12.66 17.44
CA PRO A 132 -21.80 12.86 18.89
C PRO A 132 -23.22 12.92 19.48
N ASP A 133 -23.39 12.36 20.68
CA ASP A 133 -24.71 12.20 21.27
C ASP A 133 -25.06 13.27 22.32
N GLY A 134 -24.23 14.29 22.43
CA GLY A 134 -24.50 15.43 23.30
C GLY A 134 -23.33 16.41 23.31
N LEU A 135 -23.39 17.42 24.19
CA LEU A 135 -22.31 18.39 24.32
C LEU A 135 -21.01 17.69 24.71
N TYR A 136 -21.11 16.69 25.57
CA TYR A 136 -19.93 15.94 25.99
C TYR A 136 -19.25 15.27 24.79
N GLY A 137 -20.03 14.52 24.01
CA GLY A 137 -19.49 13.89 22.81
C GLY A 137 -18.86 14.92 21.86
N VAL A 138 -19.56 16.04 21.67
CA VAL A 138 -19.06 17.10 20.80
C VAL A 138 -17.71 17.59 21.28
N SER A 139 -17.54 17.71 22.59
CA SER A 139 -16.28 18.20 23.16
C SER A 139 -15.17 17.18 22.98
N LYS A 140 -15.51 15.90 23.00
CA LYS A 140 -14.51 14.87 22.72
C LYS A 140 -14.09 14.93 21.24
N CYS A 141 -15.05 15.20 20.36
CA CYS A 141 -14.73 15.45 18.95
C CYS A 141 -13.78 16.63 18.82
N PHE A 142 -14.01 17.68 19.60
CA PHE A 142 -13.13 18.86 19.60
C PHE A 142 -11.70 18.47 19.95
N GLY A 143 -11.54 17.69 21.02
CA GLY A 143 -10.23 17.19 21.39
C GLY A 143 -9.57 16.42 20.26
N GLU A 144 -10.35 15.60 19.56
CA GLU A 144 -9.83 14.83 18.44
C GLU A 144 -9.38 15.72 17.28
N ASN A 145 -10.21 16.69 16.92
CA ASN A 145 -9.88 17.57 15.81
C ASN A 145 -8.67 18.45 16.15
N LEU A 146 -8.62 18.91 17.40
CA LEU A 146 -7.52 19.72 17.87
C LEU A 146 -6.21 18.92 17.83
N ALA A 147 -6.23 17.73 18.43
CA ALA A 147 -5.07 16.84 18.39
C ALA A 147 -4.60 16.58 16.96
N ARG A 148 -5.55 16.38 16.03
CA ARG A 148 -5.17 16.11 14.65
C ARG A 148 -4.44 17.29 14.03
N MET A 149 -4.96 18.50 14.25
CA MET A 149 -4.32 19.72 13.75
C MET A 149 -2.89 19.85 14.30
N TYR A 150 -2.71 19.62 15.59
CA TYR A 150 -1.38 19.65 16.20
C TYR A 150 -0.45 18.61 15.60
N PHE A 151 -0.99 17.45 15.25
CA PHE A 151 -0.17 16.44 14.59
C PHE A 151 0.29 16.89 13.20
N ASP A 152 -0.67 17.34 12.38
CA ASP A 152 -0.35 17.80 11.04
C ASP A 152 0.54 19.04 11.04
N LYS A 153 0.32 19.93 12.00
CA LYS A 153 1.06 21.19 12.01
C LYS A 153 2.42 21.08 12.70
N PHE A 154 2.52 20.32 13.78
CA PHE A 154 3.73 20.32 14.61
C PHE A 154 4.35 18.94 14.84
N GLY A 155 3.66 17.89 14.45
CA GLY A 155 4.14 16.54 14.66
C GLY A 155 3.79 15.95 16.02
N GLN A 156 3.02 16.69 16.82
CA GLN A 156 2.57 16.18 18.12
C GLN A 156 1.81 14.87 17.91
N GLU A 157 2.22 13.80 18.59
CA GLU A 157 1.58 12.51 18.44
C GLU A 157 0.58 12.25 19.56
N THR A 158 -0.58 11.68 19.21
CA THR A 158 -1.66 11.43 20.15
C THR A 158 -2.40 10.15 19.77
N ALA A 159 -2.71 9.31 20.76
CA ALA A 159 -3.64 8.22 20.54
C ALA A 159 -5.03 8.69 20.94
N LEU A 160 -5.95 8.73 19.97
CA LEU A 160 -7.32 9.18 20.23
C LEU A 160 -8.15 7.98 20.65
N VAL A 161 -8.16 7.69 21.93
CA VAL A 161 -8.76 6.45 22.42
C VAL A 161 -10.23 6.66 22.74
N ARG A 162 -11.10 6.18 21.86
CA ARG A 162 -12.54 6.27 22.08
C ARG A 162 -12.97 5.17 23.04
N ILE A 163 -12.91 5.47 24.33
CA ILE A 163 -13.17 4.47 25.35
C ILE A 163 -14.65 4.02 25.32
N GLY A 164 -14.87 2.71 25.42
CA GLY A 164 -16.22 2.17 25.53
C GLY A 164 -16.68 2.31 26.98
N SER A 165 -16.60 1.23 27.74
CA SER A 165 -16.93 1.25 29.15
C SER A 165 -15.78 0.61 29.92
N CYS A 166 -14.96 1.44 30.56
CA CYS A 166 -13.80 0.92 31.27
C CYS A 166 -14.16 0.68 32.74
N THR A 167 -14.53 -0.56 33.05
CA THR A 167 -15.04 -0.90 34.37
C THR A 167 -14.38 -2.18 34.87
N PRO A 168 -14.55 -2.48 36.17
CA PRO A 168 -14.01 -3.75 36.65
C PRO A 168 -14.58 -4.94 35.88
N GLU A 169 -15.86 -4.88 35.53
CA GLU A 169 -16.48 -5.94 34.73
C GLU A 169 -17.70 -5.39 33.96
N PRO A 170 -18.10 -6.07 32.88
CA PRO A 170 -19.35 -5.68 32.22
C PRO A 170 -20.49 -5.77 33.24
N ASN A 171 -21.38 -4.79 33.28
CA ASN A 171 -22.52 -4.94 34.18
C ASN A 171 -23.88 -4.60 33.57
N ASN A 172 -23.91 -4.49 32.25
CA ASN A 172 -25.19 -4.48 31.55
C ASN A 172 -25.03 -4.98 30.12
N TYR A 173 -26.13 -5.08 29.39
CA TYR A 173 -26.11 -5.71 28.08
C TYR A 173 -25.20 -4.96 27.09
N ARG A 174 -25.26 -3.63 27.12
CA ARG A 174 -24.42 -2.82 26.24
C ARG A 174 -22.93 -3.12 26.44
N MET A 175 -22.53 -3.30 27.68
CA MET A 175 -21.13 -3.54 28.00
C MET A 175 -20.60 -4.87 27.46
N LEU A 176 -21.50 -5.78 27.10
CA LEU A 176 -21.05 -6.98 26.38
C LEU A 176 -20.36 -6.58 25.07
N SER A 177 -20.65 -5.37 24.60
CA SER A 177 -20.02 -4.82 23.40
C SER A 177 -18.95 -3.77 23.71
N THR A 178 -19.24 -2.90 24.68
CA THR A 178 -18.41 -1.73 24.94
C THR A 178 -17.31 -1.92 26.01
N TRP A 179 -17.35 -3.02 26.75
CA TRP A 179 -16.42 -3.20 27.87
C TRP A 179 -14.97 -3.04 27.43
N PHE A 180 -14.21 -2.28 28.22
CA PHE A 180 -12.76 -2.11 28.02
C PHE A 180 -12.13 -2.42 29.39
N SER A 181 -11.54 -3.61 29.53
CA SER A 181 -10.98 -4.02 30.81
C SER A 181 -9.81 -3.11 31.23
N HIS A 182 -9.56 -3.06 32.54
CA HIS A 182 -8.41 -2.34 33.05
C HIS A 182 -7.13 -2.85 32.41
N ASP A 183 -6.97 -4.18 32.36
CA ASP A 183 -5.78 -4.78 31.75
C ASP A 183 -5.58 -4.35 30.31
N ASP A 184 -6.66 -4.34 29.53
CA ASP A 184 -6.52 -4.05 28.11
C ASP A 184 -6.23 -2.57 27.89
N PHE A 185 -6.80 -1.71 28.73
CA PHE A 185 -6.48 -0.29 28.63
C PHE A 185 -5.02 -0.05 29.03
N VAL A 186 -4.57 -0.74 30.07
CA VAL A 186 -3.17 -0.62 30.48
C VAL A 186 -2.24 -1.10 29.36
N SER A 187 -2.55 -2.25 28.76
CA SER A 187 -1.70 -2.75 27.69
C SER A 187 -1.72 -1.82 26.47
N LEU A 188 -2.87 -1.18 26.20
CA LEU A 188 -2.94 -0.24 25.08
C LEU A 188 -1.99 0.93 25.34
N ILE A 189 -2.03 1.43 26.57
CA ILE A 189 -1.21 2.58 26.92
C ILE A 189 0.28 2.23 26.75
N GLU A 190 0.66 1.03 27.15
CA GLU A 190 2.03 0.55 27.00
C GLU A 190 2.41 0.42 25.51
N ALA A 191 1.48 -0.08 24.70
CA ALA A 191 1.69 -0.20 23.26
C ALA A 191 1.84 1.17 22.59
N VAL A 192 1.07 2.14 23.06
CA VAL A 192 1.11 3.48 22.51
C VAL A 192 2.46 4.15 22.79
N PHE A 193 2.95 4.04 24.02
CA PHE A 193 4.24 4.67 24.35
C PHE A 193 5.47 3.96 23.77
N ARG A 194 5.37 2.66 23.54
CA ARG A 194 6.50 1.90 23.01
C ARG A 194 6.72 2.09 21.51
N ALA A 195 5.69 2.54 20.80
CA ALA A 195 5.77 2.64 19.34
C ALA A 195 6.79 3.70 18.88
N PRO A 196 7.71 3.33 17.98
CA PRO A 196 8.63 4.35 17.47
C PRO A 196 7.84 5.45 16.76
N VAL A 197 6.84 5.05 15.99
CA VAL A 197 5.98 5.98 15.29
C VAL A 197 4.51 5.69 15.62
N LEU A 198 3.77 6.72 16.00
CA LEU A 198 2.37 6.56 16.38
C LEU A 198 1.44 7.30 15.41
N GLY A 199 1.75 8.57 15.14
CA GLY A 199 0.86 9.41 14.36
C GLY A 199 -0.24 9.98 15.24
N CYS A 200 -1.45 10.08 14.71
CA CYS A 200 -2.60 10.54 15.49
C CYS A 200 -3.81 9.64 15.25
N PRO A 201 -3.67 8.34 15.56
CA PRO A 201 -4.71 7.37 15.20
C PRO A 201 -5.92 7.40 16.12
N VAL A 202 -7.10 7.18 15.53
CA VAL A 202 -8.29 6.84 16.29
C VAL A 202 -8.13 5.41 16.75
N VAL A 203 -8.28 5.19 18.04
CA VAL A 203 -8.25 3.85 18.60
C VAL A 203 -9.58 3.56 19.29
N TRP A 204 -10.19 2.42 18.96
CA TRP A 204 -11.42 2.02 19.63
C TRP A 204 -11.05 1.37 20.95
N GLY A 205 -11.49 1.99 22.04
CA GLY A 205 -11.16 1.49 23.36
C GLY A 205 -12.13 0.43 23.84
N ALA A 206 -11.92 -0.82 23.39
CA ALA A 206 -12.70 -1.95 23.84
C ALA A 206 -11.82 -3.18 23.96
N SER A 207 -12.19 -4.09 24.85
CA SER A 207 -11.53 -5.37 24.93
C SER A 207 -11.88 -6.24 23.72
N ALA A 208 -11.36 -7.46 23.65
CA ALA A 208 -11.68 -8.34 22.52
C ALA A 208 -13.04 -9.02 22.68
N ASN A 209 -14.09 -8.21 22.63
CA ASN A 209 -15.44 -8.72 22.93
C ASN A 209 -16.06 -9.40 21.72
N ASP A 210 -16.62 -10.61 21.90
CA ASP A 210 -17.32 -11.28 20.79
C ASP A 210 -18.36 -10.33 20.19
N ALA A 211 -19.06 -9.57 21.04
CA ALA A 211 -20.11 -8.69 20.55
C ALA A 211 -19.65 -7.27 20.22
N GLY A 212 -18.33 -7.09 20.05
CA GLY A 212 -17.79 -5.77 19.76
C GLY A 212 -18.35 -5.15 18.48
N TRP A 213 -18.45 -3.82 18.46
CA TRP A 213 -18.99 -3.09 17.33
C TRP A 213 -17.91 -2.43 16.47
N TRP A 214 -16.66 -2.47 16.94
CA TRP A 214 -15.62 -1.58 16.38
C TRP A 214 -14.42 -2.30 15.77
N ASP A 215 -13.89 -1.74 14.68
CA ASP A 215 -12.84 -2.38 13.89
C ASP A 215 -11.49 -1.65 14.08
N ASN A 216 -10.58 -2.24 14.84
CA ASN A 216 -9.25 -1.69 15.05
C ASN A 216 -8.19 -2.27 14.10
N SER A 217 -8.62 -2.98 13.07
CA SER A 217 -7.64 -3.71 12.24
C SER A 217 -6.57 -2.81 11.61
N HIS A 218 -6.92 -1.56 11.29
CA HIS A 218 -6.00 -0.65 10.63
C HIS A 218 -4.89 -0.15 11.56
N LEU A 219 -5.05 -0.44 12.84
CA LEU A 219 -4.10 -0.07 13.87
C LEU A 219 -3.11 -1.22 14.08
N GLY A 220 -3.19 -2.24 13.22
CA GLY A 220 -2.36 -3.41 13.36
C GLY A 220 -0.89 -3.11 13.57
N PHE A 221 -0.39 -2.07 12.91
CA PHE A 221 1.03 -1.73 13.02
C PHE A 221 1.49 -1.56 14.48
N LEU A 222 0.55 -1.21 15.36
CA LEU A 222 0.87 -0.97 16.77
C LEU A 222 1.17 -2.25 17.54
N GLY A 223 0.67 -3.37 17.04
CA GLY A 223 0.93 -4.65 17.67
C GLY A 223 0.16 -4.88 18.96
N TRP A 224 -0.92 -4.11 19.17
CA TRP A 224 -1.76 -4.26 20.37
C TRP A 224 -3.00 -5.10 20.11
N LYS A 225 -3.07 -6.25 20.77
CA LYS A 225 -4.26 -7.11 20.73
C LYS A 225 -4.83 -7.24 22.15
N PRO A 226 -6.03 -6.69 22.39
CA PRO A 226 -6.62 -6.86 23.73
C PRO A 226 -6.88 -8.33 24.01
N LYS A 227 -6.84 -8.72 25.28
CA LYS A 227 -6.92 -10.13 25.69
C LYS A 227 -8.24 -10.51 26.39
N ASP A 228 -8.92 -9.55 27.00
CA ASP A 228 -10.15 -9.86 27.73
C ASP A 228 -11.36 -9.91 26.79
N ASN A 229 -12.44 -10.53 27.26
CA ASN A 229 -13.63 -10.77 26.42
C ASN A 229 -14.89 -10.65 27.28
N ALA A 230 -15.66 -9.60 27.06
CA ALA A 230 -16.89 -9.34 27.80
C ALA A 230 -17.87 -10.50 27.69
N GLU A 231 -17.77 -11.27 26.61
CA GLU A 231 -18.69 -12.38 26.36
C GLU A 231 -18.73 -13.37 27.54
N ALA A 232 -17.61 -13.50 28.24
CA ALA A 232 -17.57 -14.41 29.39
C ALA A 232 -18.60 -14.02 30.44
N PHE A 233 -19.09 -12.79 30.36
CA PHE A 233 -19.96 -12.24 31.39
C PHE A 233 -21.44 -12.22 31.00
N ARG A 234 -21.79 -12.81 29.85
CA ARG A 234 -23.16 -12.75 29.38
C ARG A 234 -24.17 -13.34 30.38
N ARG A 235 -23.87 -14.52 30.90
CA ARG A 235 -24.73 -15.12 31.93
C ARG A 235 -24.81 -14.28 33.19
N HIS A 236 -23.66 -13.80 33.67
CA HIS A 236 -23.62 -12.88 34.80
C HIS A 236 -24.59 -11.72 34.59
N ILE A 237 -24.61 -11.18 33.38
CA ILE A 237 -25.50 -10.07 33.09
C ILE A 237 -26.98 -10.49 33.14
N THR A 238 -27.31 -11.63 32.54
CA THR A 238 -28.69 -12.09 32.59
C THR A 238 -29.15 -12.38 34.03
N GLU A 239 -28.22 -12.75 34.90
CA GLU A 239 -28.59 -13.08 36.28
C GLU A 239 -28.45 -11.93 37.29
N THR A 240 -28.20 -10.71 36.80
CA THR A 240 -28.05 -9.58 37.71
C THR A 240 -28.73 -8.30 37.24
N THR A 241 -29.43 -8.37 36.10
CA THR A 241 -30.10 -7.20 35.55
C THR A 241 -31.40 -7.63 34.86
N PRO A 242 -32.36 -6.71 34.75
CA PRO A 242 -33.56 -6.98 33.96
C PRO A 242 -33.18 -7.12 32.49
N PRO A 243 -33.89 -7.98 31.74
CA PRO A 243 -33.57 -8.05 30.31
C PRO A 243 -33.88 -6.71 29.65
N PRO A 244 -33.03 -6.24 28.72
CA PRO A 244 -33.29 -4.95 28.09
C PRO A 244 -34.59 -4.95 27.29
N ASP A 245 -35.31 -3.84 27.35
CA ASP A 245 -36.43 -3.59 26.45
C ASP A 245 -35.84 -3.22 25.08
N PRO A 246 -36.31 -3.85 24.00
CA PRO A 246 -35.77 -3.61 22.65
C PRO A 246 -35.89 -2.15 22.24
N ASN A 247 -36.76 -1.38 22.90
CA ASN A 247 -36.89 0.03 22.59
C ASN A 247 -35.99 0.93 23.43
N ASP A 248 -35.27 0.34 24.38
CA ASP A 248 -34.34 1.08 25.23
C ASP A 248 -33.14 1.57 24.41
N ALA A 249 -32.76 2.83 24.58
CA ALA A 249 -31.55 3.35 23.94
C ALA A 249 -30.36 2.46 24.26
N LEU A 250 -30.41 1.82 25.42
CA LEU A 250 -29.34 0.92 25.87
C LEU A 250 -28.98 -0.15 24.85
N VAL A 251 -29.95 -0.55 24.03
CA VAL A 251 -29.71 -1.59 23.03
C VAL A 251 -29.96 -1.10 21.60
N ARG A 252 -30.21 0.20 21.45
CA ARG A 252 -30.49 0.75 20.13
C ARG A 252 -29.39 1.66 19.60
N PHE A 253 -28.71 2.36 20.49
CA PHE A 253 -27.69 3.34 20.10
C PHE A 253 -26.36 3.04 20.77
N GLN A 254 -25.28 3.28 20.03
CA GLN A 254 -23.97 2.97 20.55
C GLN A 254 -23.63 3.80 21.79
N GLY A 255 -24.20 5.00 21.87
CA GLY A 255 -24.03 5.84 23.05
C GLY A 255 -25.02 5.53 24.16
N GLY A 256 -25.86 4.52 23.95
CA GLY A 256 -26.82 4.11 24.96
C GLY A 256 -27.71 5.28 25.35
N THR A 257 -27.97 5.43 26.66
CA THR A 257 -28.92 6.45 27.12
C THR A 257 -28.44 7.90 26.98
N PHE A 258 -27.16 8.11 26.67
CA PHE A 258 -26.72 9.48 26.38
C PHE A 258 -27.58 10.12 25.30
N VAL A 259 -28.09 9.33 24.34
CA VAL A 259 -28.94 9.92 23.31
C VAL A 259 -30.20 10.53 23.91
N ASP A 260 -30.61 9.97 25.05
CA ASP A 260 -31.81 10.44 25.75
C ASP A 260 -31.55 11.72 26.57
N ASN A 261 -30.29 12.05 26.81
CA ASN A 261 -29.99 13.30 27.52
C ASN A 261 -30.49 14.51 26.75
N PRO A 262 -31.13 15.46 27.45
CA PRO A 262 -31.45 16.77 26.88
C PRO A 262 -30.21 17.65 26.91
N ILE A 263 -30.33 18.92 26.54
CA ILE A 263 -29.25 19.87 26.80
C ILE A 263 -29.41 20.31 28.25
N PHE A 264 -28.49 19.90 29.11
CA PHE A 264 -28.54 20.28 30.51
C PHE A 264 -28.15 21.76 30.69
N LYS A 265 -28.85 22.44 31.61
CA LYS A 265 -28.61 23.85 31.91
C LYS A 265 -28.13 24.05 33.36
N GLN A 266 -27.40 25.12 33.60
CA GLN A 266 -26.87 25.40 34.95
C GLN A 266 -27.94 25.99 35.87
N ALA B 2 3.90 -37.23 -3.30
CA ALA B 2 2.68 -36.87 -4.05
C ALA B 2 3.01 -36.57 -5.52
N MET B 3 3.49 -35.35 -5.81
CA MET B 3 3.85 -35.02 -7.18
C MET B 3 5.19 -35.68 -7.57
N LYS B 4 5.37 -35.95 -8.85
CA LYS B 4 6.57 -36.66 -9.30
C LYS B 4 7.86 -35.84 -9.11
N ARG B 5 7.86 -34.58 -9.51
CA ARG B 5 9.08 -33.79 -9.46
C ARG B 5 8.81 -32.31 -9.18
N LEU B 6 9.43 -31.79 -8.13
CA LEU B 6 9.29 -30.39 -7.77
C LEU B 6 10.60 -29.66 -8.02
N LEU B 7 10.54 -28.61 -8.81
CA LEU B 7 11.69 -27.74 -9.04
C LEU B 7 11.76 -26.64 -8.00
N VAL B 8 12.91 -26.51 -7.34
CA VAL B 8 13.19 -25.36 -6.51
C VAL B 8 14.37 -24.56 -7.08
N THR B 9 14.12 -23.33 -7.54
CA THR B 9 15.21 -22.46 -8.01
C THR B 9 15.75 -21.63 -6.87
N GLY B 10 16.90 -20.99 -7.08
CA GLY B 10 17.58 -20.29 -6.01
C GLY B 10 17.92 -21.24 -4.86
N ALA B 11 18.08 -22.52 -5.17
CA ALA B 11 18.25 -23.57 -4.15
C ALA B 11 19.53 -23.46 -3.33
N ALA B 12 20.48 -22.65 -3.81
CA ALA B 12 21.74 -22.46 -3.07
C ALA B 12 21.65 -21.31 -2.08
N GLY B 13 20.60 -20.48 -2.22
CA GLY B 13 20.45 -19.33 -1.34
C GLY B 13 19.91 -19.68 0.04
N GLN B 14 19.64 -18.66 0.85
CA GLN B 14 19.14 -18.86 2.22
C GLN B 14 17.85 -19.67 2.24
N LEU B 15 16.83 -19.14 1.58
CA LEU B 15 15.55 -19.81 1.50
C LEU B 15 15.64 -21.12 0.76
N GLY B 16 16.37 -21.12 -0.35
CA GLY B 16 16.49 -22.33 -1.15
C GLY B 16 17.02 -23.50 -0.34
N ARG B 17 18.00 -23.23 0.53
CA ARG B 17 18.59 -24.29 1.35
C ARG B 17 17.54 -24.83 2.32
N VAL B 18 16.73 -23.94 2.89
CA VAL B 18 15.66 -24.35 3.78
C VAL B 18 14.66 -25.25 3.06
N MET B 19 14.24 -24.83 1.87
CA MET B 19 13.23 -25.55 1.11
C MET B 19 13.74 -26.87 0.52
N ARG B 20 15.03 -26.94 0.24
CA ARG B 20 15.62 -28.18 -0.26
C ARG B 20 15.35 -29.28 0.76
N GLU B 21 15.46 -28.91 2.03
CA GLU B 21 15.16 -29.84 3.13
C GLU B 21 13.64 -29.99 3.38
N ARG B 22 12.93 -28.88 3.52
CA ARG B 22 11.54 -28.92 3.99
C ARG B 22 10.54 -29.44 2.97
N LEU B 23 10.83 -29.26 1.68
CA LEU B 23 9.86 -29.61 0.65
C LEU B 23 10.05 -31.03 0.12
N ALA B 24 11.12 -31.70 0.54
CA ALA B 24 11.37 -33.08 0.08
C ALA B 24 10.13 -33.98 0.13
N PRO B 25 9.39 -33.96 1.26
CA PRO B 25 8.22 -34.84 1.38
C PRO B 25 7.16 -34.58 0.32
N MET B 26 7.22 -33.44 -0.36
CA MET B 26 6.19 -33.07 -1.33
C MET B 26 6.29 -33.74 -2.70
N ALA B 27 7.45 -34.31 -3.02
CA ALA B 27 7.62 -34.90 -4.34
C ALA B 27 8.55 -36.11 -4.32
N GLU B 28 8.35 -37.03 -5.25
CA GLU B 28 9.24 -38.16 -5.37
C GLU B 28 10.65 -37.65 -5.60
N ILE B 29 10.79 -36.67 -6.48
CA ILE B 29 12.08 -36.09 -6.80
C ILE B 29 12.09 -34.57 -6.62
N LEU B 30 13.13 -34.06 -5.96
CA LEU B 30 13.33 -32.63 -5.85
C LEU B 30 14.44 -32.22 -6.81
N ARG B 31 14.11 -31.42 -7.83
CA ARG B 31 15.14 -30.84 -8.69
C ARG B 31 15.56 -29.48 -8.15
N LEU B 32 16.81 -29.37 -7.73
CA LEU B 32 17.35 -28.12 -7.21
C LEU B 32 18.12 -27.37 -8.30
N ALA B 33 17.97 -26.04 -8.33
CA ALA B 33 18.67 -25.23 -9.33
C ALA B 33 19.13 -23.89 -8.79
N ASP B 34 20.26 -23.45 -9.33
CA ASP B 34 20.84 -22.18 -8.95
C ASP B 34 21.99 -21.87 -9.93
N LEU B 35 22.36 -20.60 -10.00
CA LEU B 35 23.53 -20.20 -10.78
C LEU B 35 24.79 -20.50 -10.00
N SER B 36 24.69 -20.44 -8.66
CA SER B 36 25.80 -20.73 -7.78
C SER B 36 25.94 -22.23 -7.53
N PRO B 37 27.14 -22.67 -7.16
CA PRO B 37 27.38 -24.09 -6.86
C PRO B 37 26.36 -24.66 -5.86
N LEU B 38 25.81 -25.81 -6.19
CA LEU B 38 24.88 -26.53 -5.33
C LEU B 38 25.55 -27.73 -4.69
N ASP B 39 25.30 -27.94 -3.40
CA ASP B 39 25.73 -29.17 -2.76
C ASP B 39 25.21 -30.30 -3.63
N PRO B 40 26.02 -31.35 -3.83
CA PRO B 40 25.72 -32.49 -4.71
C PRO B 40 24.40 -33.18 -4.36
N ALA B 41 23.75 -33.72 -5.39
CA ALA B 41 22.45 -34.35 -5.25
C ALA B 41 22.50 -35.62 -4.41
N GLY B 42 21.61 -35.70 -3.43
CA GLY B 42 21.44 -36.92 -2.66
C GLY B 42 20.41 -37.81 -3.34
N PRO B 43 19.96 -38.85 -2.65
CA PRO B 43 18.89 -39.68 -3.23
C PRO B 43 17.62 -38.86 -3.40
N ASN B 44 16.83 -39.17 -4.42
CA ASN B 44 15.61 -38.43 -4.73
C ASN B 44 15.87 -36.95 -5.01
N GLU B 45 17.10 -36.61 -5.40
CA GLU B 45 17.48 -35.26 -5.79
C GLU B 45 18.11 -35.21 -7.19
N GLU B 46 17.91 -34.08 -7.88
CA GLU B 46 18.63 -33.75 -9.09
C GLU B 46 19.09 -32.31 -8.95
N CYS B 47 20.33 -32.04 -9.34
CA CYS B 47 20.87 -30.69 -9.24
C CYS B 47 21.25 -30.15 -10.63
N VAL B 48 20.85 -28.91 -10.89
CA VAL B 48 21.16 -28.26 -12.16
C VAL B 48 21.73 -26.88 -11.86
N GLN B 49 22.93 -26.59 -12.34
CA GLN B 49 23.47 -25.25 -12.17
C GLN B 49 23.34 -24.49 -13.48
N CYS B 50 22.53 -23.44 -13.47
CA CYS B 50 22.28 -22.71 -14.71
C CYS B 50 21.84 -21.28 -14.44
N ASP B 51 21.95 -20.46 -15.48
CA ASP B 51 21.56 -19.05 -15.41
C ASP B 51 20.14 -18.90 -15.95
N LEU B 52 19.30 -18.22 -15.18
CA LEU B 52 17.92 -17.96 -15.58
C LEU B 52 17.84 -17.14 -16.85
N ALA B 53 18.92 -16.41 -17.16
CA ALA B 53 18.93 -15.58 -18.35
C ALA B 53 19.19 -16.39 -19.62
N ASP B 54 19.59 -17.65 -19.45
CA ASP B 54 19.86 -18.55 -20.57
C ASP B 54 18.62 -19.37 -20.90
N ALA B 55 17.92 -18.97 -21.95
CA ALA B 55 16.59 -19.53 -22.24
C ALA B 55 16.61 -21.05 -22.40
N ASN B 56 17.55 -21.55 -23.20
CA ASN B 56 17.67 -22.99 -23.39
C ASN B 56 17.90 -23.74 -22.08
N ALA B 57 18.73 -23.18 -21.21
CA ALA B 57 19.01 -23.83 -19.92
C ALA B 57 17.75 -23.90 -19.07
N VAL B 58 17.00 -22.80 -19.05
CA VAL B 58 15.76 -22.74 -18.26
C VAL B 58 14.74 -23.74 -18.76
N ASN B 59 14.65 -23.89 -20.08
CA ASN B 59 13.78 -24.91 -20.68
C ASN B 59 14.09 -26.30 -20.14
N ALA B 60 15.38 -26.69 -20.15
CA ALA B 60 15.77 -28.01 -19.66
C ALA B 60 15.57 -28.12 -18.15
N MET B 61 15.84 -27.04 -17.44
CA MET B 61 15.62 -26.98 -15.99
C MET B 61 14.16 -27.29 -15.62
N VAL B 62 13.22 -26.78 -16.43
CA VAL B 62 11.79 -26.93 -16.13
C VAL B 62 11.20 -28.23 -16.66
N ALA B 63 11.69 -28.71 -17.80
CA ALA B 63 11.17 -29.94 -18.42
C ALA B 63 11.08 -31.10 -17.43
N GLY B 64 9.91 -31.72 -17.37
CA GLY B 64 9.68 -32.88 -16.51
C GLY B 64 9.29 -32.52 -15.08
N CYS B 65 9.10 -31.25 -14.80
CA CYS B 65 8.75 -30.82 -13.45
C CYS B 65 7.24 -30.59 -13.33
N ASP B 66 6.67 -30.99 -12.19
CA ASP B 66 5.23 -30.90 -11.96
C ASP B 66 4.86 -29.65 -11.17
N GLY B 67 5.88 -29.02 -10.59
CA GLY B 67 5.66 -27.79 -9.85
C GLY B 67 6.95 -27.02 -9.74
N ILE B 68 6.84 -25.73 -9.43
CA ILE B 68 8.02 -24.89 -9.29
C ILE B 68 7.89 -23.95 -8.13
N VAL B 69 8.90 -23.94 -7.27
CA VAL B 69 9.03 -22.92 -6.26
C VAL B 69 10.14 -22.00 -6.75
N HIS B 70 9.78 -20.83 -7.28
CA HIS B 70 10.77 -19.94 -7.89
C HIS B 70 11.35 -18.93 -6.91
N LEU B 71 12.47 -19.31 -6.30
CA LEU B 71 13.17 -18.45 -5.36
C LEU B 71 14.41 -17.82 -6.03
N GLY B 72 14.83 -18.38 -7.16
CA GLY B 72 16.02 -17.90 -7.82
C GLY B 72 15.95 -16.49 -8.41
N GLY B 73 17.05 -15.77 -8.32
CA GLY B 73 17.15 -14.46 -8.93
C GLY B 73 17.90 -13.50 -8.02
N ILE B 74 18.06 -12.27 -8.47
CA ILE B 74 18.66 -11.24 -7.64
C ILE B 74 17.70 -10.92 -6.50
N SER B 75 18.20 -10.93 -5.27
CA SER B 75 17.34 -10.87 -4.10
C SER B 75 17.46 -9.56 -3.32
N VAL B 76 18.35 -8.67 -3.76
CA VAL B 76 18.49 -7.36 -3.14
C VAL B 76 18.66 -6.28 -4.20
N GLU B 77 18.73 -5.02 -3.79
CA GLU B 77 18.94 -3.94 -4.76
C GLU B 77 20.34 -4.08 -5.34
N LYS B 78 20.43 -4.13 -6.66
CA LYS B 78 21.70 -4.25 -7.38
C LYS B 78 21.60 -3.39 -8.63
N PRO B 79 22.72 -3.27 -9.38
CA PRO B 79 22.66 -2.53 -10.65
C PRO B 79 21.69 -3.16 -11.64
N PHE B 80 21.19 -2.34 -12.56
CA PHE B 80 20.12 -2.74 -13.47
C PHE B 80 20.40 -4.02 -14.27
N GLU B 81 21.62 -4.17 -14.79
CA GLU B 81 21.91 -5.31 -15.65
C GLU B 81 21.78 -6.67 -14.97
N GLN B 82 22.23 -6.76 -13.74
CA GLN B 82 22.11 -8.01 -12.99
C GLN B 82 20.63 -8.38 -12.80
N ILE B 83 19.83 -7.37 -12.44
CA ILE B 83 18.42 -7.58 -12.16
C ILE B 83 17.67 -7.88 -13.44
N LEU B 84 18.07 -7.20 -14.52
CA LEU B 84 17.46 -7.44 -15.81
C LEU B 84 17.61 -8.90 -16.20
N GLN B 85 18.83 -9.42 -16.05
CA GLN B 85 19.11 -10.80 -16.42
C GLN B 85 18.38 -11.81 -15.53
N GLY B 86 18.53 -11.67 -14.22
CA GLY B 86 17.99 -12.67 -13.31
C GLY B 86 16.49 -12.60 -13.09
N ASN B 87 15.92 -11.39 -13.14
CA ASN B 87 14.55 -11.15 -12.66
C ASN B 87 13.58 -10.72 -13.72
N ILE B 88 14.08 -10.30 -14.87
CA ILE B 88 13.22 -9.85 -15.96
C ILE B 88 13.35 -10.84 -17.12
N ILE B 89 14.50 -10.87 -17.77
CA ILE B 89 14.75 -11.91 -18.77
C ILE B 89 14.51 -13.28 -18.13
N GLY B 90 15.00 -13.47 -16.91
CA GLY B 90 14.85 -14.72 -16.20
C GLY B 90 13.38 -15.16 -16.06
N LEU B 91 12.51 -14.21 -15.73
CA LEU B 91 11.08 -14.50 -15.55
C LEU B 91 10.41 -14.85 -16.86
N TYR B 92 10.70 -14.07 -17.90
CA TYR B 92 10.21 -14.41 -19.23
C TYR B 92 10.62 -15.84 -19.59
N ASN B 93 11.90 -16.16 -19.39
CA ASN B 93 12.37 -17.51 -19.70
C ASN B 93 11.64 -18.58 -18.88
N LEU B 94 11.45 -18.31 -17.59
CA LEU B 94 10.76 -19.27 -16.71
C LEU B 94 9.35 -19.54 -17.22
N TYR B 95 8.61 -18.48 -17.52
CA TYR B 95 7.22 -18.62 -17.96
C TYR B 95 7.09 -19.30 -19.32
N GLU B 96 7.98 -18.97 -20.25
CA GLU B 96 8.00 -19.67 -21.53
C GLU B 96 8.34 -21.15 -21.35
N ALA B 97 9.29 -21.43 -20.47
CA ALA B 97 9.66 -22.83 -20.21
C ALA B 97 8.46 -23.59 -19.62
N ALA B 98 7.79 -22.98 -18.65
CA ALA B 98 6.61 -23.61 -18.07
C ALA B 98 5.55 -23.81 -19.14
N ARG B 99 5.39 -22.82 -20.01
CA ARG B 99 4.37 -22.90 -21.05
C ARG B 99 4.63 -24.06 -22.02
N ALA B 100 5.90 -24.40 -22.22
CA ALA B 100 6.25 -25.46 -23.16
C ALA B 100 6.23 -26.84 -22.51
N HIS B 101 6.09 -26.88 -21.19
CA HIS B 101 6.15 -28.14 -20.47
C HIS B 101 5.01 -28.39 -19.48
N GLY B 102 3.77 -28.18 -19.94
CA GLY B 102 2.60 -28.55 -19.17
C GLY B 102 2.16 -27.58 -18.09
N GLN B 103 2.73 -26.37 -18.12
CA GLN B 103 2.34 -25.31 -17.20
C GLN B 103 2.32 -25.76 -15.74
N PRO B 104 3.45 -26.29 -15.26
CA PRO B 104 3.52 -26.66 -13.85
C PRO B 104 3.18 -25.45 -12.98
N ARG B 105 2.43 -25.68 -11.91
CA ARG B 105 2.04 -24.59 -11.00
C ARG B 105 3.27 -23.93 -10.39
N ILE B 106 3.23 -22.61 -10.26
CA ILE B 106 4.36 -21.84 -9.75
C ILE B 106 4.08 -21.11 -8.45
N VAL B 107 4.98 -21.28 -7.48
CA VAL B 107 5.04 -20.40 -6.33
C VAL B 107 6.13 -19.38 -6.61
N PHE B 108 5.73 -18.13 -6.83
CA PHE B 108 6.69 -17.08 -7.17
C PHE B 108 7.07 -16.30 -5.93
N ALA B 109 8.37 -16.22 -5.65
CA ALA B 109 8.83 -15.37 -4.58
C ALA B 109 8.85 -13.91 -5.05
N SER B 110 7.72 -13.22 -4.88
CA SER B 110 7.70 -11.78 -5.05
C SER B 110 8.24 -11.20 -3.75
N SER B 111 7.93 -9.94 -3.49
CA SER B 111 8.54 -9.27 -2.34
C SER B 111 7.70 -8.14 -1.78
N ASN B 112 7.82 -7.88 -0.47
CA ASN B 112 7.27 -6.67 0.11
C ASN B 112 7.79 -5.42 -0.59
N HIS B 113 8.95 -5.52 -1.23
CA HIS B 113 9.54 -4.33 -1.86
C HIS B 113 8.76 -3.86 -3.08
N THR B 114 7.77 -4.65 -3.50
CA THR B 114 6.82 -4.18 -4.53
C THR B 114 5.98 -3.02 -4.01
N ILE B 115 5.89 -2.92 -2.69
CA ILE B 115 5.05 -1.90 -2.05
C ILE B 115 5.84 -1.16 -0.98
N GLY B 116 7.17 -1.17 -1.11
CA GLY B 116 8.06 -0.66 -0.08
C GLY B 116 7.88 0.78 0.36
N TYR B 117 7.33 1.63 -0.52
CA TYR B 117 7.15 3.04 -0.19
C TYR B 117 5.89 3.38 0.63
N TYR B 118 5.02 2.40 0.87
CA TYR B 118 3.88 2.67 1.77
C TYR B 118 4.36 2.91 3.19
N PRO B 119 3.70 3.82 3.92
CA PRO B 119 3.99 3.99 5.35
C PRO B 119 3.64 2.71 6.10
N GLN B 120 4.35 2.43 7.19
CA GLN B 120 4.06 1.24 7.97
C GLN B 120 2.72 1.35 8.69
N THR B 121 2.18 2.54 8.76
CA THR B 121 0.90 2.74 9.46
C THR B 121 -0.30 2.34 8.59
N GLU B 122 -0.07 2.05 7.32
CA GLU B 122 -1.16 1.79 6.40
C GLU B 122 -1.37 0.28 6.20
N ARG B 123 -2.58 -0.21 6.47
CA ARG B 123 -2.87 -1.62 6.29
C ARG B 123 -3.17 -1.86 4.82
N LEU B 124 -2.58 -2.90 4.23
CA LEU B 124 -2.70 -3.12 2.78
C LEU B 124 -3.46 -4.39 2.42
N GLY B 125 -4.44 -4.26 1.53
CA GLY B 125 -5.05 -5.42 0.91
C GLY B 125 -4.28 -5.79 -0.35
N PRO B 126 -4.59 -6.95 -0.94
CA PRO B 126 -3.86 -7.48 -2.12
C PRO B 126 -3.97 -6.65 -3.41
N ASP B 127 -4.96 -5.74 -3.51
CA ASP B 127 -5.14 -4.99 -4.75
C ASP B 127 -4.51 -3.59 -4.74
N VAL B 128 -3.76 -3.24 -3.70
CA VAL B 128 -3.17 -1.90 -3.65
C VAL B 128 -2.21 -1.64 -4.81
N PRO B 129 -2.17 -0.40 -5.32
CA PRO B 129 -1.22 -0.05 -6.40
C PRO B 129 0.23 -0.26 -5.93
N ALA B 130 1.05 -0.81 -6.80
CA ALA B 130 2.46 -1.02 -6.50
C ALA B 130 3.16 0.30 -6.17
N ARG B 131 4.06 0.24 -5.20
CA ARG B 131 4.98 1.35 -4.91
C ARG B 131 6.38 0.78 -4.65
N PRO B 132 7.01 0.26 -5.71
CA PRO B 132 8.29 -0.44 -5.56
C PRO B 132 9.36 0.51 -5.03
N ASP B 133 10.25 0.03 -4.17
CA ASP B 133 11.23 0.91 -3.53
C ASP B 133 12.62 0.89 -4.18
N GLY B 134 12.71 0.31 -5.37
CA GLY B 134 13.97 0.26 -6.08
C GLY B 134 13.85 -0.59 -7.33
N LEU B 135 14.96 -0.78 -8.04
CA LEU B 135 14.94 -1.61 -9.25
C LEU B 135 14.56 -3.05 -8.92
N TYR B 136 15.01 -3.52 -7.76
CA TYR B 136 14.64 -4.87 -7.32
C TYR B 136 13.12 -5.00 -7.18
N GLY B 137 12.52 -4.04 -6.48
CA GLY B 137 11.06 -4.00 -6.34
C GLY B 137 10.35 -3.93 -7.68
N VAL B 138 10.83 -3.06 -8.55
CA VAL B 138 10.25 -2.93 -9.88
C VAL B 138 10.32 -4.27 -10.61
N SER B 139 11.42 -4.98 -10.47
CA SER B 139 11.58 -6.27 -11.17
C SER B 139 10.63 -7.34 -10.60
N LYS B 140 10.37 -7.29 -9.30
CA LYS B 140 9.37 -8.21 -8.74
C LYS B 140 7.95 -7.85 -9.23
N CYS B 141 7.65 -6.57 -9.37
CA CYS B 141 6.43 -6.14 -10.06
C CYS B 141 6.36 -6.72 -11.46
N PHE B 142 7.48 -6.71 -12.18
CA PHE B 142 7.50 -7.26 -13.53
C PHE B 142 7.09 -8.73 -13.48
N GLY B 143 7.65 -9.47 -12.53
CA GLY B 143 7.28 -10.87 -12.37
C GLY B 143 5.79 -11.05 -12.14
N GLU B 144 5.22 -10.21 -11.28
CA GLU B 144 3.78 -10.30 -10.98
C GLU B 144 2.94 -9.98 -12.22
N ASN B 145 3.31 -8.91 -12.94
CA ASN B 145 2.59 -8.54 -14.15
C ASN B 145 2.68 -9.63 -15.23
N LEU B 146 3.88 -10.16 -15.43
CA LEU B 146 4.08 -11.22 -16.42
C LEU B 146 3.25 -12.45 -16.07
N ALA B 147 3.33 -12.90 -14.82
CA ALA B 147 2.60 -14.08 -14.36
C ALA B 147 1.10 -13.91 -14.59
N ARG B 148 0.59 -12.70 -14.30
CA ARG B 148 -0.82 -12.40 -14.49
C ARG B 148 -1.18 -12.55 -15.95
N MET B 149 -0.32 -12.06 -16.83
CA MET B 149 -0.61 -12.14 -18.26
C MET B 149 -0.66 -13.61 -18.72
N TYR B 150 0.29 -14.42 -18.27
CA TYR B 150 0.28 -15.85 -18.61
C TYR B 150 -0.94 -16.55 -18.02
N PHE B 151 -1.37 -16.12 -16.85
CA PHE B 151 -2.62 -16.67 -16.29
C PHE B 151 -3.82 -16.34 -17.19
N ASP B 152 -4.01 -15.06 -17.47
CA ASP B 152 -5.15 -14.64 -18.31
C ASP B 152 -5.10 -15.22 -19.72
N LYS B 153 -3.89 -15.33 -20.28
CA LYS B 153 -3.77 -15.74 -21.67
C LYS B 153 -3.73 -17.26 -21.83
N PHE B 154 -3.05 -17.95 -20.93
CA PHE B 154 -2.84 -19.39 -21.10
C PHE B 154 -3.36 -20.26 -19.97
N GLY B 155 -3.71 -19.66 -18.85
CA GLY B 155 -4.23 -20.43 -17.72
C GLY B 155 -3.14 -20.87 -16.75
N GLN B 156 -1.90 -20.49 -17.01
CA GLN B 156 -0.81 -20.76 -16.08
C GLN B 156 -1.13 -20.19 -14.70
N GLU B 157 -1.02 -21.02 -13.67
CA GLU B 157 -1.35 -20.59 -12.32
C GLU B 157 -0.10 -20.29 -11.50
N THR B 158 -0.15 -19.21 -10.73
CA THR B 158 0.97 -18.76 -9.93
C THR B 158 0.48 -18.18 -8.61
N ALA B 159 1.16 -18.50 -7.53
CA ALA B 159 0.97 -17.77 -6.28
C ALA B 159 2.04 -16.69 -6.19
N LEU B 160 1.60 -15.43 -6.20
CA LEU B 160 2.50 -14.29 -6.13
C LEU B 160 2.75 -13.96 -4.67
N VAL B 161 3.76 -14.59 -4.10
CA VAL B 161 3.99 -14.45 -2.67
C VAL B 161 4.89 -13.25 -2.39
N ARG B 162 4.30 -12.18 -1.85
CA ARG B 162 5.08 -11.02 -1.45
C ARG B 162 5.72 -11.27 -0.11
N ILE B 163 6.92 -11.85 -0.14
CA ILE B 163 7.60 -12.26 1.08
C ILE B 163 7.98 -11.03 1.91
N GLY B 164 7.73 -11.10 3.21
CA GLY B 164 8.15 -10.05 4.13
C GLY B 164 9.60 -10.32 4.51
N SER B 165 9.81 -10.92 5.67
CA SER B 165 11.15 -11.28 6.12
C SER B 165 11.15 -12.75 6.53
N CYS B 166 11.54 -13.62 5.60
CA CYS B 166 11.51 -15.05 5.90
C CYS B 166 12.85 -15.48 6.49
N THR B 167 12.92 -15.46 7.82
CA THR B 167 14.14 -15.75 8.55
C THR B 167 13.83 -16.67 9.72
N PRO B 168 14.86 -17.27 10.31
CA PRO B 168 14.66 -18.14 11.47
C PRO B 168 13.90 -17.45 12.60
N GLU B 169 14.19 -16.18 12.86
CA GLU B 169 13.50 -15.43 13.91
C GLU B 169 13.45 -13.95 13.54
N PRO B 170 12.50 -13.20 14.12
CA PRO B 170 12.50 -11.75 13.92
C PRO B 170 13.72 -11.15 14.60
N ASN B 171 14.44 -10.26 13.91
CA ASN B 171 15.72 -9.69 14.38
C ASN B 171 15.63 -8.22 14.75
N ASN B 172 14.57 -7.55 14.31
CA ASN B 172 14.44 -6.11 14.52
C ASN B 172 12.99 -5.66 14.60
N TYR B 173 12.78 -4.37 14.86
CA TYR B 173 11.43 -3.87 15.08
C TYR B 173 10.53 -4.11 13.87
N ARG B 174 11.05 -3.88 12.67
CA ARG B 174 10.26 -4.08 11.47
C ARG B 174 9.80 -5.53 11.34
N MET B 175 10.64 -6.47 11.77
CA MET B 175 10.29 -7.88 11.60
C MET B 175 9.17 -8.32 12.52
N LEU B 176 8.84 -7.48 13.50
CA LEU B 176 7.66 -7.73 14.32
C LEU B 176 6.41 -7.71 13.44
N SER B 177 6.51 -7.03 12.30
CA SER B 177 5.41 -6.96 11.33
C SER B 177 5.64 -7.86 10.12
N THR B 178 6.87 -7.96 9.65
CA THR B 178 7.15 -8.61 8.37
C THR B 178 7.55 -10.07 8.46
N TRP B 179 7.82 -10.55 9.66
CA TRP B 179 8.36 -11.89 9.80
C TRP B 179 7.47 -12.96 9.15
N PHE B 180 8.09 -13.89 8.44
CA PHE B 180 7.40 -14.99 7.78
C PHE B 180 8.21 -16.20 8.17
N SER B 181 7.69 -17.01 9.09
CA SER B 181 8.44 -18.14 9.60
C SER B 181 8.66 -19.17 8.49
N HIS B 182 9.72 -19.97 8.65
CA HIS B 182 9.93 -21.11 7.75
C HIS B 182 8.72 -22.03 7.71
N ASP B 183 8.17 -22.35 8.89
CA ASP B 183 7.01 -23.25 8.97
C ASP B 183 5.83 -22.69 8.16
N ASP B 184 5.54 -21.40 8.32
CA ASP B 184 4.40 -20.80 7.64
C ASP B 184 4.61 -20.70 6.13
N PHE B 185 5.85 -20.49 5.70
CA PHE B 185 6.11 -20.47 4.26
C PHE B 185 5.92 -21.89 3.73
N VAL B 186 6.40 -22.87 4.48
CA VAL B 186 6.25 -24.25 4.04
C VAL B 186 4.77 -24.66 3.94
N SER B 187 3.99 -24.31 4.96
CA SER B 187 2.56 -24.64 4.90
C SER B 187 1.85 -23.89 3.77
N LEU B 188 2.26 -22.65 3.50
CA LEU B 188 1.70 -21.93 2.34
C LEU B 188 1.94 -22.70 1.04
N ILE B 189 3.19 -23.09 0.82
CA ILE B 189 3.54 -23.81 -0.39
C ILE B 189 2.70 -25.09 -0.51
N GLU B 190 2.52 -25.79 0.62
CA GLU B 190 1.70 -27.00 0.61
C GLU B 190 0.26 -26.65 0.23
N ALA B 191 -0.25 -25.58 0.82
CA ALA B 191 -1.61 -25.12 0.51
C ALA B 191 -1.75 -24.71 -0.95
N VAL B 192 -0.72 -24.05 -1.48
CA VAL B 192 -0.76 -23.67 -2.90
C VAL B 192 -0.85 -24.89 -3.81
N PHE B 193 0.01 -25.88 -3.58
CA PHE B 193 0.07 -27.00 -4.51
C PHE B 193 -1.13 -27.94 -4.39
N ARG B 194 -1.72 -28.02 -3.20
CA ARG B 194 -2.84 -28.96 -3.00
C ARG B 194 -4.14 -28.41 -3.59
N ALA B 195 -4.20 -27.10 -3.83
CA ALA B 195 -5.45 -26.48 -4.24
C ALA B 195 -5.91 -26.96 -5.62
N PRO B 196 -7.16 -27.45 -5.72
CA PRO B 196 -7.64 -27.80 -7.06
C PRO B 196 -7.59 -26.59 -7.99
N VAL B 197 -8.00 -25.42 -7.49
CA VAL B 197 -7.97 -24.18 -8.27
C VAL B 197 -7.22 -23.10 -7.52
N LEU B 198 -6.27 -22.46 -8.20
CA LEU B 198 -5.43 -21.46 -7.54
C LEU B 198 -5.66 -20.06 -8.13
N GLY B 199 -5.61 -19.96 -9.46
CA GLY B 199 -5.66 -18.67 -10.11
C GLY B 199 -4.28 -18.03 -10.13
N CYS B 200 -4.23 -16.72 -9.96
CA CYS B 200 -2.97 -16.01 -9.91
C CYS B 200 -3.00 -14.99 -8.77
N PRO B 201 -3.20 -15.46 -7.53
CA PRO B 201 -3.45 -14.55 -6.40
C PRO B 201 -2.20 -13.89 -5.85
N VAL B 202 -2.34 -12.64 -5.41
CA VAL B 202 -1.36 -12.01 -4.55
C VAL B 202 -1.50 -12.60 -3.15
N VAL B 203 -0.38 -13.07 -2.59
CA VAL B 203 -0.36 -13.60 -1.23
C VAL B 203 0.63 -12.80 -0.42
N TRP B 204 0.21 -12.29 0.75
CA TRP B 204 1.17 -11.60 1.60
C TRP B 204 1.98 -12.61 2.40
N GLY B 205 3.29 -12.56 2.24
CA GLY B 205 4.17 -13.55 2.85
C GLY B 205 4.60 -13.14 4.24
N ALA B 206 3.72 -13.38 5.20
CA ALA B 206 3.98 -13.06 6.61
C ALA B 206 3.26 -14.06 7.50
N SER B 207 3.81 -14.28 8.68
CA SER B 207 3.15 -15.13 9.65
C SER B 207 1.98 -14.38 10.28
N ALA B 208 1.32 -15.01 11.24
CA ALA B 208 0.18 -14.39 11.95
C ALA B 208 0.66 -13.42 13.01
N ASN B 209 1.35 -12.37 12.59
CA ASN B 209 1.94 -11.41 13.52
C ASN B 209 0.93 -10.39 14.02
N ASP B 210 0.88 -10.15 15.33
CA ASP B 210 -0.02 -9.13 15.88
C ASP B 210 0.17 -7.79 15.18
N ALA B 211 1.41 -7.47 14.82
CA ALA B 211 1.73 -6.17 14.22
C ALA B 211 1.79 -6.22 12.69
N GLY B 212 1.24 -7.27 12.09
CA GLY B 212 1.23 -7.43 10.65
C GLY B 212 0.55 -6.24 9.99
N TRP B 213 0.95 -5.93 8.76
CA TRP B 213 0.45 -4.76 8.05
C TRP B 213 -0.48 -5.17 6.92
N TRP B 214 -0.58 -6.48 6.67
CA TRP B 214 -1.18 -6.92 5.41
C TRP B 214 -2.39 -7.81 5.65
N ASP B 215 -3.34 -7.73 4.73
CA ASP B 215 -4.61 -8.42 4.87
C ASP B 215 -4.69 -9.54 3.84
N ASN B 216 -4.62 -10.79 4.32
CA ASN B 216 -4.72 -11.97 3.47
C ASN B 216 -6.13 -12.58 3.45
N SER B 217 -7.13 -11.84 3.95
CA SER B 217 -8.47 -12.45 4.12
C SER B 217 -9.07 -12.97 2.81
N HIS B 218 -8.79 -12.28 1.71
CA HIS B 218 -9.37 -12.68 0.44
C HIS B 218 -8.79 -13.99 -0.10
N LEU B 219 -7.73 -14.47 0.53
CA LEU B 219 -7.10 -15.72 0.16
C LEU B 219 -7.74 -16.91 0.89
N GLY B 220 -8.82 -16.65 1.63
CA GLY B 220 -9.43 -17.64 2.49
C GLY B 220 -9.70 -18.98 1.84
N PHE B 221 -10.08 -18.96 0.56
CA PHE B 221 -10.42 -20.20 -0.15
C PHE B 221 -9.30 -21.25 -0.13
N LEU B 222 -8.06 -20.78 0.06
CA LEU B 222 -6.89 -21.66 0.06
C LEU B 222 -6.83 -22.49 1.34
N GLY B 223 -7.47 -21.98 2.39
CA GLY B 223 -7.47 -22.68 3.66
C GLY B 223 -6.11 -22.67 4.35
N TRP B 224 -5.31 -21.63 4.09
CA TRP B 224 -4.00 -21.49 4.72
C TRP B 224 -4.05 -20.42 5.82
N LYS B 225 -3.74 -20.84 7.04
CA LYS B 225 -3.69 -19.94 8.19
C LYS B 225 -2.33 -20.08 8.84
N PRO B 226 -1.49 -19.04 8.74
CA PRO B 226 -0.16 -19.13 9.38
C PRO B 226 -0.34 -19.30 10.89
N LYS B 227 0.61 -19.96 11.54
CA LYS B 227 0.49 -20.28 12.96
C LYS B 227 1.50 -19.56 13.83
N ASP B 228 2.56 -19.04 13.22
CA ASP B 228 3.57 -18.37 14.02
C ASP B 228 3.23 -16.91 14.19
N ASN B 229 3.86 -16.28 15.17
CA ASN B 229 3.52 -14.90 15.53
C ASN B 229 4.78 -14.19 16.03
N ALA B 230 5.25 -13.20 15.29
CA ALA B 230 6.45 -12.44 15.67
C ALA B 230 6.32 -11.76 17.02
N GLU B 231 5.08 -11.51 17.46
CA GLU B 231 4.85 -10.76 18.68
C GLU B 231 5.55 -11.44 19.86
N ALA B 232 5.61 -12.77 19.82
CA ALA B 232 6.28 -13.53 20.87
C ALA B 232 7.73 -13.07 21.09
N PHE B 233 8.31 -12.41 20.09
CA PHE B 233 9.71 -11.97 20.15
C PHE B 233 9.91 -10.50 20.52
N ARG B 234 8.83 -9.77 20.80
CA ARG B 234 9.00 -8.34 21.06
C ARG B 234 9.96 -8.07 22.21
N ARG B 235 9.69 -8.71 23.33
CA ARG B 235 10.53 -8.62 24.53
C ARG B 235 11.99 -8.88 24.14
N HIS B 236 12.20 -10.04 23.51
CA HIS B 236 13.56 -10.45 23.15
C HIS B 236 14.26 -9.42 22.28
N ILE B 237 13.54 -8.82 21.35
CA ILE B 237 14.10 -7.82 20.44
C ILE B 237 14.42 -6.54 21.18
N THR B 238 13.50 -6.13 22.04
CA THR B 238 13.74 -5.00 22.92
C THR B 238 15.00 -5.21 23.76
N GLU B 239 15.23 -6.45 24.19
CA GLU B 239 16.34 -6.76 25.09
C GLU B 239 17.71 -6.86 24.40
N THR B 240 17.71 -7.07 23.08
CA THR B 240 18.94 -7.41 22.39
C THR B 240 19.28 -6.52 21.21
N THR B 241 18.51 -5.45 21.02
CA THR B 241 18.77 -4.50 19.94
C THR B 241 18.47 -3.08 20.39
N PRO B 242 19.21 -2.09 19.84
CA PRO B 242 18.97 -0.70 20.18
C PRO B 242 17.62 -0.24 19.64
N PRO B 243 16.88 0.55 20.43
CA PRO B 243 15.57 1.04 20.01
C PRO B 243 15.71 1.82 18.70
N PRO B 244 14.79 1.60 17.74
CA PRO B 244 14.92 2.30 16.45
C PRO B 244 14.72 3.79 16.63
N ASP B 245 15.41 4.58 15.80
CA ASP B 245 15.17 6.02 15.74
C ASP B 245 13.89 6.22 14.93
N PRO B 246 12.98 7.07 15.44
CA PRO B 246 11.68 7.22 14.77
C PRO B 246 11.81 7.79 13.36
N ASN B 247 13.00 8.28 13.03
CA ASN B 247 13.22 8.84 11.69
C ASN B 247 13.83 7.86 10.72
N ASP B 248 14.24 6.69 11.22
CA ASP B 248 14.79 5.64 10.37
C ASP B 248 13.72 5.06 9.44
N ALA B 249 14.08 4.90 8.17
CA ALA B 249 13.21 4.22 7.22
C ALA B 249 12.76 2.88 7.77
N LEU B 250 13.57 2.29 8.64
CA LEU B 250 13.27 0.98 9.23
C LEU B 250 11.90 0.95 9.93
N VAL B 251 11.48 2.07 10.49
CA VAL B 251 10.19 2.13 11.16
C VAL B 251 9.25 3.15 10.51
N ARG B 252 9.59 3.59 9.30
CA ARG B 252 8.76 4.57 8.59
C ARG B 252 8.18 4.02 7.29
N PHE B 253 8.90 3.13 6.63
CA PHE B 253 8.45 2.62 5.33
C PHE B 253 8.37 1.11 5.38
N GLN B 254 7.42 0.56 4.63
CA GLN B 254 7.22 -0.88 4.68
C GLN B 254 8.41 -1.61 4.08
N GLY B 255 9.09 -0.97 3.12
CA GLY B 255 10.29 -1.53 2.53
C GLY B 255 11.55 -1.30 3.36
N GLY B 256 11.39 -0.71 4.55
CA GLY B 256 12.52 -0.43 5.42
C GLY B 256 13.62 0.33 4.70
N THR B 257 14.87 -0.07 4.92
CA THR B 257 16.00 0.70 4.39
C THR B 257 16.13 0.65 2.87
N PHE B 258 15.37 -0.21 2.20
CA PHE B 258 15.44 -0.20 0.73
C PHE B 258 15.07 1.15 0.15
N VAL B 259 14.18 1.90 0.81
CA VAL B 259 13.84 3.21 0.28
C VAL B 259 15.07 4.12 0.24
N ASP B 260 16.03 3.88 1.13
CA ASP B 260 17.23 4.72 1.20
C ASP B 260 18.28 4.31 0.15
N ASN B 261 18.10 3.14 -0.48
CA ASN B 261 19.04 2.72 -1.53
C ASN B 261 19.08 3.72 -2.67
N PRO B 262 20.30 4.04 -3.15
CA PRO B 262 20.41 4.82 -4.38
C PRO B 262 20.17 3.89 -5.55
N ILE B 263 20.28 4.39 -6.76
CA ILE B 263 20.36 3.52 -7.91
C ILE B 263 21.82 3.05 -7.98
N PHE B 264 22.05 1.75 -7.79
CA PHE B 264 23.41 1.22 -7.83
C PHE B 264 23.92 1.07 -9.26
N LYS B 265 25.18 1.41 -9.47
CA LYS B 265 25.85 1.22 -10.75
C LYS B 265 26.96 0.17 -10.60
N GLN B 266 27.29 -0.52 -11.68
CA GLN B 266 28.33 -1.56 -11.62
C GLN B 266 29.69 -0.95 -11.30
N ALA C 2 5.70 28.33 -22.63
CA ALA C 2 5.63 27.23 -21.67
C ALA C 2 7.02 26.72 -21.25
N MET C 3 7.91 26.49 -22.22
CA MET C 3 9.24 26.00 -21.92
C MET C 3 10.27 26.23 -23.04
N LYS C 4 11.55 26.10 -22.71
CA LYS C 4 12.59 26.37 -23.69
C LYS C 4 12.71 25.25 -24.72
N ARG C 5 12.88 24.02 -24.24
CA ARG C 5 13.01 22.88 -25.15
C ARG C 5 12.16 21.69 -24.68
N LEU C 6 11.35 21.18 -25.60
CA LEU C 6 10.51 20.02 -25.33
C LEU C 6 11.00 18.87 -26.18
N LEU C 7 11.31 17.75 -25.54
CA LEU C 7 11.69 16.54 -26.26
C LEU C 7 10.46 15.70 -26.61
N VAL C 8 10.34 15.32 -27.87
CA VAL C 8 9.33 14.35 -28.28
C VAL C 8 10.06 13.11 -28.81
N THR C 9 10.00 11.99 -28.08
CA THR C 9 10.58 10.76 -28.57
C THR C 9 9.57 10.03 -29.46
N GLY C 10 10.01 8.99 -30.16
CA GLY C 10 9.17 8.28 -31.11
C GLY C 10 8.61 9.23 -32.17
N ALA C 11 9.34 10.30 -32.45
CA ALA C 11 8.86 11.39 -33.30
C ALA C 11 8.63 11.01 -34.76
N ALA C 12 9.15 9.86 -35.19
CA ALA C 12 8.93 9.41 -36.57
C ALA C 12 7.67 8.57 -36.70
N GLY C 13 7.11 8.16 -35.57
CA GLY C 13 5.97 7.26 -35.57
C GLY C 13 4.64 7.96 -35.83
N GLN C 14 3.53 7.23 -35.67
CA GLN C 14 2.23 7.79 -35.99
C GLN C 14 1.86 8.97 -35.11
N LEU C 15 1.88 8.78 -33.80
CA LEU C 15 1.60 9.88 -32.88
C LEU C 15 2.73 10.91 -32.90
N GLY C 16 3.95 10.43 -33.09
CA GLY C 16 5.10 11.33 -33.11
C GLY C 16 4.95 12.41 -34.17
N ARG C 17 4.55 12.02 -35.37
CA ARG C 17 4.40 12.99 -36.44
C ARG C 17 3.32 14.03 -36.13
N VAL C 18 2.22 13.60 -35.52
CA VAL C 18 1.19 14.53 -35.09
C VAL C 18 1.70 15.53 -34.06
N MET C 19 2.34 15.02 -33.01
CA MET C 19 2.85 15.88 -31.94
C MET C 19 3.97 16.82 -32.40
N ARG C 20 4.78 16.37 -33.34
CA ARG C 20 5.81 17.23 -33.90
C ARG C 20 5.17 18.53 -34.41
N GLU C 21 4.00 18.41 -35.03
CA GLU C 21 3.29 19.61 -35.48
C GLU C 21 2.49 20.27 -34.36
N ARG C 22 1.68 19.50 -33.64
CA ARG C 22 0.74 20.06 -32.67
C ARG C 22 1.39 20.64 -31.40
N LEU C 23 2.56 20.14 -31.01
CA LEU C 23 3.20 20.62 -29.79
C LEU C 23 4.21 21.76 -30.02
N ALA C 24 4.44 22.11 -31.28
CA ALA C 24 5.38 23.22 -31.59
C ALA C 24 5.15 24.48 -30.76
N PRO C 25 3.88 24.89 -30.59
CA PRO C 25 3.61 26.11 -29.81
C PRO C 25 3.97 26.01 -28.32
N MET C 26 4.24 24.82 -27.81
CA MET C 26 4.50 24.64 -26.38
C MET C 26 5.91 24.99 -25.96
N ALA C 27 6.84 25.06 -26.91
CA ALA C 27 8.20 25.39 -26.53
C ALA C 27 8.90 26.17 -27.62
N GLU C 28 9.94 26.88 -27.23
CA GLU C 28 10.75 27.59 -28.20
C GLU C 28 11.37 26.59 -29.18
N ILE C 29 11.91 25.52 -28.62
CA ILE C 29 12.56 24.48 -29.43
C ILE C 29 11.92 23.12 -29.20
N LEU C 30 11.56 22.47 -30.29
CA LEU C 30 11.10 21.09 -30.21
C LEU C 30 12.24 20.16 -30.62
N ARG C 31 12.67 19.28 -29.72
CA ARG C 31 13.65 18.27 -30.08
C ARG C 31 12.93 16.95 -30.39
N LEU C 32 13.09 16.48 -31.62
CA LEU C 32 12.45 15.25 -32.05
C LEU C 32 13.48 14.12 -32.05
N ALA C 33 13.10 12.95 -31.55
CA ALA C 33 14.02 11.82 -31.53
C ALA C 33 13.32 10.55 -31.96
N ASP C 34 14.06 9.68 -32.62
CA ASP C 34 13.53 8.38 -33.01
C ASP C 34 14.66 7.43 -33.37
N LEU C 35 14.37 6.14 -33.31
CA LEU C 35 15.30 5.12 -33.82
C LEU C 35 15.44 5.27 -35.33
N SER C 36 14.33 5.66 -35.97
CA SER C 36 14.23 5.71 -37.43
C SER C 36 14.48 7.11 -37.97
N PRO C 37 14.66 7.24 -39.30
CA PRO C 37 14.98 8.55 -39.87
C PRO C 37 13.88 9.59 -39.63
N LEU C 38 14.30 10.80 -39.31
CA LEU C 38 13.39 11.92 -39.10
C LEU C 38 13.44 12.88 -40.28
N ASP C 39 12.28 13.42 -40.68
CA ASP C 39 12.29 14.52 -41.64
C ASP C 39 13.17 15.61 -41.05
N PRO C 40 13.95 16.28 -41.90
CA PRO C 40 14.95 17.27 -41.47
C PRO C 40 14.37 18.34 -40.54
N ALA C 41 15.18 18.76 -39.57
CA ALA C 41 14.79 19.80 -38.64
C ALA C 41 14.47 21.11 -39.36
N GLY C 42 13.33 21.69 -39.04
CA GLY C 42 12.99 22.99 -39.57
C GLY C 42 13.41 24.03 -38.57
N PRO C 43 12.99 25.28 -38.79
CA PRO C 43 13.28 26.29 -37.77
C PRO C 43 12.64 25.83 -36.47
N ASN C 44 13.28 26.13 -35.36
CA ASN C 44 12.72 25.80 -34.05
C ASN C 44 12.70 24.31 -33.75
N GLU C 45 13.37 23.51 -34.58
CA GLU C 45 13.46 22.07 -34.36
C GLU C 45 14.90 21.59 -34.20
N GLU C 46 15.08 20.51 -33.45
CA GLU C 46 16.31 19.73 -33.45
C GLU C 46 15.87 18.29 -33.68
N CYS C 47 16.67 17.53 -34.42
CA CYS C 47 16.36 16.12 -34.67
C CYS C 47 17.55 15.24 -34.31
N VAL C 48 17.28 14.12 -33.63
CA VAL C 48 18.32 13.17 -33.21
C VAL C 48 17.84 11.76 -33.51
N GLN C 49 18.65 10.99 -34.21
CA GLN C 49 18.31 9.61 -34.51
C GLN C 49 19.15 8.67 -33.63
N CYS C 50 18.46 7.92 -32.76
CA CYS C 50 19.15 7.01 -31.85
C CYS C 50 18.23 5.96 -31.23
N ASP C 51 18.86 4.98 -30.59
CA ASP C 51 18.16 3.86 -29.96
C ASP C 51 18.06 4.13 -28.46
N LEU C 52 16.85 4.01 -27.92
CA LEU C 52 16.61 4.17 -26.50
C LEU C 52 17.42 3.21 -25.67
N ALA C 53 17.85 2.11 -26.27
CA ALA C 53 18.63 1.11 -25.55
C ALA C 53 20.06 1.57 -25.29
N ASP C 54 20.48 2.67 -25.93
CA ASP C 54 21.86 3.14 -25.80
C ASP C 54 21.97 4.35 -24.88
N ALA C 55 22.51 4.12 -23.68
CA ALA C 55 22.48 5.12 -22.61
C ALA C 55 23.11 6.46 -23.00
N ASN C 56 24.30 6.42 -23.57
CA ASN C 56 24.97 7.64 -24.02
C ASN C 56 24.09 8.47 -24.95
N ALA C 57 23.42 7.81 -25.89
CA ALA C 57 22.55 8.51 -26.82
C ALA C 57 21.33 9.11 -26.10
N VAL C 58 20.71 8.32 -25.21
CA VAL C 58 19.57 8.83 -24.44
C VAL C 58 20.00 10.02 -23.55
N ASN C 59 21.17 9.94 -22.94
CA ASN C 59 21.68 11.08 -22.16
C ASN C 59 21.73 12.36 -23.00
N ALA C 60 22.28 12.25 -24.21
CA ALA C 60 22.41 13.42 -25.09
C ALA C 60 21.04 13.91 -25.55
N MET C 61 20.15 12.97 -25.78
CA MET C 61 18.79 13.25 -26.24
C MET C 61 18.06 14.13 -25.21
N VAL C 62 18.24 13.80 -23.95
CA VAL C 62 17.51 14.43 -22.87
C VAL C 62 18.15 15.75 -22.40
N ALA C 63 19.48 15.82 -22.45
CA ALA C 63 20.21 16.97 -21.91
C ALA C 63 19.69 18.28 -22.48
N GLY C 64 19.37 19.22 -21.61
CA GLY C 64 18.90 20.53 -22.05
C GLY C 64 17.40 20.62 -22.29
N CYS C 65 16.68 19.53 -22.06
CA CYS C 65 15.22 19.53 -22.28
C CYS C 65 14.47 19.84 -21.00
N ASP C 66 13.36 20.56 -21.12
CA ASP C 66 12.56 21.00 -19.98
C ASP C 66 11.35 20.11 -19.77
N GLY C 67 11.08 19.25 -20.73
CA GLY C 67 9.98 18.31 -20.64
C GLY C 67 10.14 17.25 -21.70
N ILE C 68 9.48 16.13 -21.50
CA ILE C 68 9.59 15.00 -22.41
C ILE C 68 8.21 14.43 -22.66
N VAL C 69 7.86 14.29 -23.92
CA VAL C 69 6.68 13.50 -24.27
C VAL C 69 7.21 12.20 -24.84
N HIS C 70 7.11 11.14 -24.05
CA HIS C 70 7.79 9.90 -24.39
C HIS C 70 6.89 8.95 -25.16
N LEU C 71 6.95 9.05 -26.49
CA LEU C 71 6.16 8.22 -27.39
C LEU C 71 6.98 7.08 -27.98
N GLY C 72 8.30 7.18 -27.88
CA GLY C 72 9.15 6.19 -28.49
C GLY C 72 9.12 4.82 -27.84
N GLY C 73 9.13 3.79 -28.68
CA GLY C 73 9.19 2.42 -28.19
C GLY C 73 8.44 1.48 -29.11
N ILE C 74 8.44 0.20 -28.75
CA ILE C 74 7.64 -0.80 -29.45
C ILE C 74 6.17 -0.55 -29.10
N SER C 75 5.33 -0.44 -30.11
CA SER C 75 3.95 -0.01 -29.93
C SER C 75 2.89 -1.10 -30.10
N VAL C 76 3.30 -2.31 -30.46
CA VAL C 76 2.37 -3.42 -30.64
C VAL C 76 2.99 -4.69 -30.06
N GLU C 77 2.24 -5.79 -30.00
CA GLU C 77 2.84 -7.03 -29.52
C GLU C 77 3.93 -7.49 -30.49
N LYS C 78 5.10 -7.80 -29.94
CA LYS C 78 6.28 -8.21 -30.71
C LYS C 78 7.06 -9.20 -29.87
N PRO C 79 8.08 -9.84 -30.46
CA PRO C 79 8.93 -10.72 -29.66
C PRO C 79 9.58 -9.97 -28.50
N PHE C 80 9.83 -10.70 -27.41
CA PHE C 80 10.36 -10.14 -26.18
C PHE C 80 11.65 -9.35 -26.39
N GLU C 81 12.50 -9.86 -27.27
CA GLU C 81 13.79 -9.22 -27.51
C GLU C 81 13.64 -7.76 -27.92
N GLN C 82 12.68 -7.48 -28.78
CA GLN C 82 12.52 -6.12 -29.28
C GLN C 82 11.92 -5.23 -28.19
N ILE C 83 10.96 -5.78 -27.47
CA ILE C 83 10.30 -5.04 -26.40
C ILE C 83 11.29 -4.73 -25.29
N LEU C 84 12.15 -5.70 -24.99
CA LEU C 84 13.18 -5.51 -23.98
C LEU C 84 14.00 -4.24 -24.26
N GLN C 85 14.39 -4.05 -25.52
CA GLN C 85 15.22 -2.92 -25.91
C GLN C 85 14.52 -1.57 -25.77
N GLY C 86 13.39 -1.43 -26.45
CA GLY C 86 12.73 -0.14 -26.53
C GLY C 86 11.96 0.24 -25.28
N ASN C 87 11.39 -0.76 -24.60
CA ASN C 87 10.38 -0.49 -23.57
C ASN C 87 10.83 -0.78 -22.14
N ILE C 88 11.88 -1.57 -22.01
CA ILE C 88 12.37 -1.94 -20.68
C ILE C 88 13.73 -1.30 -20.45
N ILE C 89 14.73 -1.73 -21.21
CA ILE C 89 16.02 -1.05 -21.16
C ILE C 89 15.86 0.44 -21.51
N GLY C 90 15.07 0.73 -22.53
CA GLY C 90 14.87 2.09 -22.98
C GLY C 90 14.31 2.98 -21.88
N LEU C 91 13.37 2.43 -21.10
CA LEU C 91 12.73 3.16 -20.01
C LEU C 91 13.71 3.45 -18.88
N TYR C 92 14.48 2.44 -18.49
CA TYR C 92 15.52 2.64 -17.49
C TYR C 92 16.43 3.77 -17.97
N ASN C 93 16.93 3.67 -19.20
CA ASN C 93 17.81 4.70 -19.73
C ASN C 93 17.19 6.10 -19.68
N LEU C 94 15.92 6.19 -20.08
CA LEU C 94 15.22 7.50 -20.11
C LEU C 94 15.16 8.09 -18.71
N TYR C 95 14.83 7.27 -17.72
CA TYR C 95 14.68 7.76 -16.36
C TYR C 95 16.03 8.16 -15.74
N GLU C 96 17.08 7.39 -16.03
CA GLU C 96 18.41 7.77 -15.58
C GLU C 96 18.87 9.08 -16.23
N ALA C 97 18.62 9.23 -17.53
CA ALA C 97 19.00 10.46 -18.23
C ALA C 97 18.25 11.66 -17.65
N ALA C 98 16.94 11.48 -17.43
CA ALA C 98 16.15 12.53 -16.80
C ALA C 98 16.71 12.87 -15.44
N ARG C 99 17.02 11.85 -14.64
CA ARG C 99 17.55 12.07 -13.30
C ARG C 99 18.88 12.87 -13.32
N ALA C 100 19.69 12.65 -14.35
CA ALA C 100 20.98 13.33 -14.48
C ALA C 100 20.83 14.73 -15.07
N HIS C 101 19.65 15.06 -15.56
CA HIS C 101 19.49 16.34 -16.24
C HIS C 101 18.30 17.17 -15.76
N GLY C 102 18.18 17.32 -14.45
CA GLY C 102 17.19 18.23 -13.89
C GLY C 102 15.77 17.69 -13.81
N GLN C 103 15.60 16.39 -14.04
CA GLN C 103 14.29 15.74 -13.90
C GLN C 103 13.15 16.48 -14.62
N PRO C 104 13.34 16.73 -15.92
CA PRO C 104 12.26 17.32 -16.74
C PRO C 104 11.02 16.44 -16.65
N ARG C 105 9.87 17.09 -16.49
CA ARG C 105 8.60 16.39 -16.35
C ARG C 105 8.32 15.50 -17.58
N ILE C 106 7.77 14.32 -17.34
CA ILE C 106 7.56 13.35 -18.40
C ILE C 106 6.08 13.02 -18.64
N VAL C 107 5.65 13.11 -19.89
CA VAL C 107 4.39 12.48 -20.30
C VAL C 107 4.71 11.12 -20.89
N PHE C 108 4.33 10.06 -20.18
CA PHE C 108 4.62 8.70 -20.63
C PHE C 108 3.44 8.12 -21.39
N ALA C 109 3.68 7.71 -22.63
CA ALA C 109 2.66 6.96 -23.37
C ALA C 109 2.59 5.54 -22.85
N SER C 110 1.79 5.33 -21.81
CA SER C 110 1.47 3.97 -21.39
C SER C 110 0.36 3.53 -22.32
N SER C 111 -0.44 2.55 -21.92
CA SER C 111 -1.41 1.99 -22.86
C SER C 111 -2.56 1.29 -22.16
N ASN C 112 -3.73 1.30 -22.80
CA ASN C 112 -4.86 0.49 -22.33
C ASN C 112 -4.49 -0.97 -22.20
N HIS C 113 -3.46 -1.40 -22.93
CA HIS C 113 -3.09 -2.81 -22.90
C HIS C 113 -2.52 -3.28 -21.58
N THR C 114 -2.23 -2.33 -20.69
CA THR C 114 -1.89 -2.66 -19.31
C THR C 114 -3.08 -3.30 -18.57
N ILE C 115 -4.29 -3.07 -19.09
CA ILE C 115 -5.49 -3.58 -18.46
C ILE C 115 -6.39 -4.29 -19.48
N GLY C 116 -5.77 -4.75 -20.58
CA GLY C 116 -6.49 -5.31 -21.70
C GLY C 116 -7.38 -6.50 -21.43
N TYR C 117 -7.08 -7.27 -20.38
CA TYR C 117 -7.88 -8.46 -20.06
C TYR C 117 -9.18 -8.19 -19.27
N TYR C 118 -9.40 -6.95 -18.83
CA TYR C 118 -10.69 -6.61 -18.22
C TYR C 118 -11.83 -6.68 -19.26
N PRO C 119 -13.02 -7.11 -18.82
CA PRO C 119 -14.14 -7.08 -19.75
C PRO C 119 -14.54 -5.64 -20.04
N GLN C 120 -15.11 -5.42 -21.21
CA GLN C 120 -15.52 -4.07 -21.60
C GLN C 120 -16.66 -3.54 -20.73
N THR C 121 -17.36 -4.44 -20.06
CA THR C 121 -18.51 -4.06 -19.23
C THR C 121 -18.08 -3.48 -17.89
N GLU C 122 -16.81 -3.57 -17.57
CA GLU C 122 -16.34 -3.12 -16.26
C GLU C 122 -15.72 -1.73 -16.32
N ARG C 123 -16.26 -0.80 -15.54
CA ARG C 123 -15.72 0.56 -15.50
C ARG C 123 -14.48 0.58 -14.61
N LEU C 124 -13.40 1.20 -15.06
CA LEU C 124 -12.15 1.16 -14.29
C LEU C 124 -11.72 2.52 -13.76
N GLY C 125 -11.39 2.58 -12.48
CA GLY C 125 -10.69 3.73 -11.92
C GLY C 125 -9.18 3.50 -12.03
N PRO C 126 -8.39 4.53 -11.72
CA PRO C 126 -6.93 4.50 -11.93
C PRO C 126 -6.16 3.47 -11.09
N ASP C 127 -6.78 2.94 -10.03
CA ASP C 127 -6.07 2.06 -9.09
C ASP C 127 -6.29 0.57 -9.33
N VAL C 128 -7.02 0.21 -10.37
CA VAL C 128 -7.28 -1.22 -10.60
C VAL C 128 -5.98 -1.99 -10.84
N PRO C 129 -5.94 -3.26 -10.41
CA PRO C 129 -4.76 -4.10 -10.67
C PRO C 129 -4.55 -4.28 -12.17
N ALA C 130 -3.29 -4.29 -12.58
CA ALA C 130 -3.00 -4.45 -13.99
C ALA C 130 -3.45 -5.83 -14.48
N ARG C 131 -3.97 -5.89 -15.70
CA ARG C 131 -4.23 -7.15 -16.39
C ARG C 131 -3.72 -7.04 -17.84
N PRO C 132 -2.39 -7.01 -18.00
CA PRO C 132 -1.79 -6.80 -19.31
C PRO C 132 -2.10 -7.95 -20.28
N ASP C 133 -2.32 -7.62 -21.54
CA ASP C 133 -2.78 -8.61 -22.50
C ASP C 133 -1.67 -9.17 -23.39
N GLY C 134 -0.43 -8.95 -23.00
CA GLY C 134 0.71 -9.49 -23.74
C GLY C 134 2.02 -8.91 -23.21
N LEU C 135 3.12 -9.24 -23.88
CA LEU C 135 4.42 -8.73 -23.50
C LEU C 135 4.49 -7.20 -23.62
N TYR C 136 3.84 -6.66 -24.65
CA TYR C 136 3.76 -5.23 -24.82
C TYR C 136 3.09 -4.57 -23.61
N GLY C 137 1.90 -5.04 -23.25
CA GLY C 137 1.22 -4.55 -22.07
C GLY C 137 2.07 -4.69 -20.81
N VAL C 138 2.70 -5.86 -20.64
CA VAL C 138 3.57 -6.05 -19.47
C VAL C 138 4.70 -4.99 -19.46
N SER C 139 5.25 -4.69 -20.63
CA SER C 139 6.32 -3.72 -20.73
C SER C 139 5.85 -2.28 -20.42
N LYS C 140 4.60 -1.94 -20.75
CA LYS C 140 4.07 -0.64 -20.34
C LYS C 140 3.84 -0.58 -18.83
N CYS C 141 3.41 -1.70 -18.23
CA CYS C 141 3.35 -1.79 -16.77
C CYS C 141 4.72 -1.55 -16.15
N PHE C 142 5.76 -2.11 -16.78
CA PHE C 142 7.12 -1.90 -16.28
C PHE C 142 7.41 -0.41 -16.26
N GLY C 143 7.06 0.28 -17.35
CA GLY C 143 7.27 1.72 -17.43
C GLY C 143 6.58 2.48 -16.30
N GLU C 144 5.33 2.12 -16.02
CA GLU C 144 4.57 2.72 -14.92
C GLU C 144 5.21 2.46 -13.56
N ASN C 145 5.58 1.20 -13.32
CA ASN C 145 6.20 0.81 -12.05
C ASN C 145 7.52 1.53 -11.86
N LEU C 146 8.29 1.62 -12.93
CA LEU C 146 9.59 2.27 -12.85
C LEU C 146 9.38 3.75 -12.56
N ALA C 147 8.48 4.39 -13.30
CA ALA C 147 8.23 5.82 -13.12
C ALA C 147 7.78 6.11 -11.70
N ARG C 148 6.93 5.23 -11.15
CA ARG C 148 6.43 5.45 -9.80
C ARG C 148 7.59 5.39 -8.81
N MET C 149 8.49 4.44 -9.02
CA MET C 149 9.67 4.32 -8.15
C MET C 149 10.54 5.59 -8.20
N TYR C 150 10.80 6.11 -9.39
CA TYR C 150 11.54 7.36 -9.53
C TYR C 150 10.82 8.56 -8.92
N PHE C 151 9.48 8.55 -8.97
CA PHE C 151 8.72 9.60 -8.28
C PHE C 151 8.91 9.52 -6.76
N ASP C 152 8.70 8.33 -6.20
CA ASP C 152 8.81 8.16 -4.75
C ASP C 152 10.25 8.37 -4.25
N LYS C 153 11.23 7.94 -5.03
CA LYS C 153 12.63 8.00 -4.58
C LYS C 153 13.28 9.36 -4.83
N PHE C 154 13.00 9.96 -5.99
CA PHE C 154 13.72 11.18 -6.40
C PHE C 154 12.82 12.37 -6.68
N GLY C 155 11.51 12.14 -6.75
CA GLY C 155 10.58 13.21 -7.01
C GLY C 155 10.32 13.47 -8.48
N GLN C 156 10.86 12.63 -9.36
CA GLN C 156 10.63 12.75 -10.79
C GLN C 156 9.14 12.66 -11.03
N GLU C 157 8.57 13.61 -11.77
CA GLU C 157 7.12 13.60 -11.98
C GLU C 157 6.79 13.06 -13.36
N THR C 158 5.76 12.22 -13.43
CA THR C 158 5.37 11.60 -14.70
C THR C 158 3.86 11.48 -14.81
N ALA C 159 3.30 11.78 -15.98
CA ALA C 159 1.89 11.45 -16.23
C ALA C 159 1.86 10.13 -16.98
N LEU C 160 1.29 9.10 -16.36
CA LEU C 160 1.21 7.79 -16.96
C LEU C 160 -0.06 7.70 -17.78
N VAL C 161 0.03 8.04 -19.05
CA VAL C 161 -1.16 8.12 -19.87
C VAL C 161 -1.46 6.80 -20.54
N ARG C 162 -2.52 6.15 -20.09
CA ARG C 162 -2.94 4.89 -20.69
C ARG C 162 -3.81 5.19 -21.89
N ILE C 163 -3.16 5.31 -23.04
CA ILE C 163 -3.81 5.72 -24.26
C ILE C 163 -4.76 4.63 -24.73
N GLY C 164 -5.95 5.04 -25.13
CA GLY C 164 -6.89 4.14 -25.80
C GLY C 164 -6.51 3.97 -27.26
N SER C 165 -7.23 4.68 -28.14
CA SER C 165 -6.94 4.64 -29.57
C SER C 165 -6.82 6.06 -30.09
N CYS C 166 -5.59 6.55 -30.21
CA CYS C 166 -5.40 7.94 -30.64
C CYS C 166 -5.29 8.01 -32.16
N THR C 167 -6.42 8.30 -32.81
CA THR C 167 -6.51 8.25 -34.27
C THR C 167 -7.25 9.48 -34.76
N PRO C 168 -7.17 9.77 -36.06
CA PRO C 168 -7.93 10.89 -36.63
C PRO C 168 -9.40 10.76 -36.28
N GLU C 169 -9.93 9.54 -36.33
CA GLU C 169 -11.32 9.30 -35.92
C GLU C 169 -11.57 7.86 -35.52
N PRO C 170 -12.67 7.60 -34.78
CA PRO C 170 -12.97 6.21 -34.44
C PRO C 170 -13.31 5.43 -35.71
N ASN C 171 -12.78 4.24 -35.89
CA ASN C 171 -13.16 3.48 -37.07
C ASN C 171 -13.65 2.04 -36.83
N ASN C 172 -13.92 1.71 -35.57
CA ASN C 172 -14.57 0.44 -35.25
C ASN C 172 -15.33 0.55 -33.94
N TYR C 173 -16.05 -0.50 -33.58
CA TYR C 173 -16.97 -0.45 -32.45
C TYR C 173 -16.24 -0.14 -31.14
N ARG C 174 -15.11 -0.82 -30.93
CA ARG C 174 -14.30 -0.62 -29.72
C ARG C 174 -13.89 0.84 -29.56
N MET C 175 -13.57 1.49 -30.67
CA MET C 175 -13.12 2.88 -30.63
C MET C 175 -14.20 3.88 -30.19
N LEU C 176 -15.47 3.47 -30.23
CA LEU C 176 -16.53 4.30 -29.66
C LEU C 176 -16.27 4.49 -28.17
N SER C 177 -15.51 3.57 -27.58
CA SER C 177 -15.15 3.68 -26.17
C SER C 177 -13.70 4.17 -25.97
N THR C 178 -12.78 3.72 -26.82
CA THR C 178 -11.35 3.99 -26.60
C THR C 178 -10.79 5.23 -27.30
N TRP C 179 -11.56 5.83 -28.19
CA TRP C 179 -11.04 6.93 -29.01
C TRP C 179 -10.46 8.06 -28.15
N PHE C 180 -9.28 8.52 -28.53
CA PHE C 180 -8.61 9.63 -27.87
C PHE C 180 -8.21 10.60 -28.97
N SER C 181 -8.98 11.68 -29.14
CA SER C 181 -8.75 12.57 -30.27
C SER C 181 -7.38 13.25 -30.14
N HIS C 182 -6.82 13.68 -31.27
CA HIS C 182 -5.61 14.48 -31.28
C HIS C 182 -5.73 15.71 -30.40
N ASP C 183 -6.84 16.43 -30.56
CA ASP C 183 -7.10 17.63 -29.75
C ASP C 183 -7.08 17.36 -28.25
N ASP C 184 -7.74 16.28 -27.83
CA ASP C 184 -7.83 15.97 -26.41
C ASP C 184 -6.48 15.50 -25.81
N PHE C 185 -5.69 14.77 -26.61
CA PHE C 185 -4.35 14.40 -26.17
C PHE C 185 -3.44 15.64 -26.07
N VAL C 186 -3.53 16.53 -27.06
CA VAL C 186 -2.78 17.78 -27.00
C VAL C 186 -3.18 18.60 -25.77
N SER C 187 -4.47 18.72 -25.49
CA SER C 187 -4.89 19.48 -24.32
C SER C 187 -4.45 18.82 -23.00
N LEU C 188 -4.46 17.49 -22.94
CA LEU C 188 -3.95 16.79 -21.76
C LEU C 188 -2.48 17.13 -21.53
N ILE C 189 -1.70 17.09 -22.61
CA ILE C 189 -0.28 17.39 -22.51
C ILE C 189 -0.08 18.81 -21.98
N GLU C 190 -0.87 19.74 -22.51
CA GLU C 190 -0.82 21.12 -22.03
C GLU C 190 -1.13 21.21 -20.53
N ALA C 191 -2.18 20.49 -20.10
CA ALA C 191 -2.57 20.52 -18.70
C ALA C 191 -1.51 19.84 -17.83
N VAL C 192 -0.87 18.80 -18.36
CA VAL C 192 0.18 18.14 -17.60
C VAL C 192 1.36 19.09 -17.34
N PHE C 193 1.81 19.79 -18.37
CA PHE C 193 2.97 20.67 -18.22
C PHE C 193 2.71 21.98 -17.46
N ARG C 194 1.49 22.50 -17.50
CA ARG C 194 1.19 23.74 -16.79
C ARG C 194 1.04 23.53 -15.28
N ALA C 195 0.80 22.28 -14.86
CA ALA C 195 0.50 22.03 -13.45
C ALA C 195 1.69 22.35 -12.55
N PRO C 196 1.48 23.15 -11.50
CA PRO C 196 2.58 23.38 -10.57
C PRO C 196 3.01 22.08 -9.92
N VAL C 197 2.04 21.24 -9.59
CA VAL C 197 2.31 19.94 -9.00
C VAL C 197 1.59 18.86 -9.79
N LEU C 198 2.30 17.80 -10.14
CA LEU C 198 1.70 16.72 -10.91
C LEU C 198 1.68 15.42 -10.14
N GLY C 199 2.81 15.03 -9.57
CA GLY C 199 2.94 13.73 -8.92
C GLY C 199 3.27 12.67 -9.96
N CYS C 200 2.73 11.47 -9.79
CA CYS C 200 2.90 10.41 -10.77
C CYS C 200 1.55 9.74 -11.07
N PRO C 201 0.56 10.50 -11.58
CA PRO C 201 -0.80 9.98 -11.74
C PRO C 201 -0.98 9.07 -12.96
N VAL C 202 -1.77 8.02 -12.76
CA VAL C 202 -2.34 7.27 -13.86
C VAL C 202 -3.42 8.14 -14.50
N VAL C 203 -3.34 8.28 -15.82
CA VAL C 203 -4.32 9.06 -16.59
C VAL C 203 -4.90 8.19 -17.68
N TRP C 204 -6.23 8.13 -17.76
CA TRP C 204 -6.85 7.35 -18.83
C TRP C 204 -6.90 8.19 -20.08
N GLY C 205 -6.29 7.70 -21.15
CA GLY C 205 -6.19 8.44 -22.39
C GLY C 205 -7.35 8.21 -23.33
N ALA C 206 -8.46 8.90 -23.08
CA ALA C 206 -9.65 8.84 -23.93
C ALA C 206 -10.35 10.19 -23.98
N SER C 207 -11.06 10.44 -25.08
CA SER C 207 -11.86 11.65 -25.18
C SER C 207 -13.11 11.48 -24.32
N ALA C 208 -14.01 12.45 -24.34
CA ALA C 208 -15.22 12.37 -23.51
C ALA C 208 -16.31 11.54 -24.20
N ASN C 209 -16.02 10.26 -24.38
CA ASN C 209 -16.89 9.35 -25.12
C ASN C 209 -18.07 8.88 -24.28
N ASP C 210 -19.28 8.92 -24.85
CA ASP C 210 -20.45 8.42 -24.13
C ASP C 210 -20.18 6.99 -23.68
N ALA C 211 -19.55 6.19 -24.54
CA ALA C 211 -19.31 4.78 -24.23
C ALA C 211 -17.94 4.50 -23.56
N GLY C 212 -17.33 5.52 -22.97
CA GLY C 212 -16.06 5.36 -22.28
C GLY C 212 -16.10 4.37 -21.11
N TRP C 213 -14.97 3.72 -20.85
CA TRP C 213 -14.88 2.67 -19.83
C TRP C 213 -14.16 3.11 -18.58
N TRP C 214 -13.61 4.32 -18.60
CA TRP C 214 -12.60 4.70 -17.62
C TRP C 214 -12.93 5.99 -16.87
N ASP C 215 -12.50 6.04 -15.62
CA ASP C 215 -12.85 7.12 -14.71
C ASP C 215 -11.62 7.97 -14.35
N ASN C 216 -11.57 9.19 -14.88
CA ASN C 216 -10.50 10.16 -14.57
C ASN C 216 -10.87 11.16 -13.47
N SER C 217 -11.97 10.91 -12.76
CA SER C 217 -12.47 11.94 -11.83
C SER C 217 -11.44 12.33 -10.76
N HIS C 218 -10.65 11.36 -10.30
CA HIS C 218 -9.65 11.67 -9.29
C HIS C 218 -8.49 12.55 -9.81
N LEU C 219 -8.45 12.78 -11.12
CA LEU C 219 -7.46 13.66 -11.72
C LEU C 219 -7.96 15.11 -11.81
N GLY C 220 -9.13 15.38 -11.22
CA GLY C 220 -9.76 16.69 -11.32
C GLY C 220 -8.86 17.88 -11.04
N PHE C 221 -7.95 17.76 -10.09
CA PHE C 221 -7.04 18.86 -9.75
C PHE C 221 -6.25 19.43 -10.94
N LEU C 222 -6.09 18.64 -12.00
CA LEU C 222 -5.34 19.08 -13.18
C LEU C 222 -6.16 20.06 -14.02
N GLY C 223 -7.48 20.02 -13.87
CA GLY C 223 -8.34 20.90 -14.64
C GLY C 223 -8.43 20.56 -16.12
N TRP C 224 -8.25 19.29 -16.46
CA TRP C 224 -8.32 18.84 -17.85
C TRP C 224 -9.65 18.14 -18.14
N LYS C 225 -10.39 18.66 -19.11
CA LYS C 225 -11.66 18.07 -19.51
C LYS C 225 -11.62 17.82 -21.00
N PRO C 226 -11.54 16.55 -21.43
CA PRO C 226 -11.58 16.26 -22.86
C PRO C 226 -12.88 16.79 -23.44
N LYS C 227 -12.88 17.18 -24.70
CA LYS C 227 -14.04 17.83 -25.30
C LYS C 227 -14.64 17.08 -26.47
N ASP C 228 -13.89 16.15 -27.05
CA ASP C 228 -14.41 15.36 -28.18
C ASP C 228 -15.17 14.15 -27.69
N ASN C 229 -15.98 13.56 -28.57
CA ASN C 229 -16.86 12.48 -28.18
C ASN C 229 -17.02 11.50 -29.33
N ALA C 230 -16.52 10.28 -29.15
CA ALA C 230 -16.60 9.29 -30.24
C ALA C 230 -18.04 8.97 -30.65
N GLU C 231 -18.99 9.19 -29.74
CA GLU C 231 -20.37 8.77 -29.96
C GLU C 231 -20.90 9.33 -31.28
N ALA C 232 -20.45 10.53 -31.65
CA ALA C 232 -20.86 11.18 -32.88
C ALA C 232 -20.57 10.34 -34.13
N PHE C 233 -19.67 9.36 -34.01
CA PHE C 233 -19.28 8.54 -35.15
C PHE C 233 -19.99 7.19 -35.22
N ARG C 234 -20.89 6.91 -34.28
CA ARG C 234 -21.53 5.60 -34.20
C ARG C 234 -22.23 5.19 -35.49
N ARG C 235 -23.10 6.07 -36.00
CA ARG C 235 -23.83 5.79 -37.23
C ARG C 235 -22.86 5.47 -38.36
N HIS C 236 -21.85 6.33 -38.52
CA HIS C 236 -20.86 6.15 -39.56
C HIS C 236 -20.23 4.76 -39.48
N ILE C 237 -19.83 4.37 -38.27
CA ILE C 237 -19.21 3.07 -38.05
C ILE C 237 -20.18 1.92 -38.33
N THR C 238 -21.43 2.07 -37.90
CA THR C 238 -22.45 1.06 -38.13
C THR C 238 -22.65 0.79 -39.62
N GLU C 239 -22.60 1.86 -40.42
CA GLU C 239 -22.82 1.76 -41.86
C GLU C 239 -21.58 1.37 -42.64
N THR C 240 -20.41 1.69 -42.09
CA THR C 240 -19.14 1.54 -42.80
C THR C 240 -18.43 0.23 -42.47
N THR C 241 -18.90 -0.46 -41.44
CA THR C 241 -18.20 -1.66 -40.98
C THR C 241 -19.16 -2.79 -40.65
N PRO C 242 -18.67 -4.04 -40.68
CA PRO C 242 -19.48 -5.21 -40.35
C PRO C 242 -19.78 -5.26 -38.85
N PRO C 243 -21.02 -5.59 -38.48
CA PRO C 243 -21.36 -5.72 -37.07
C PRO C 243 -20.43 -6.72 -36.40
N PRO C 244 -19.95 -6.39 -35.19
CA PRO C 244 -19.04 -7.32 -34.52
C PRO C 244 -19.77 -8.57 -34.06
N ASP C 245 -19.09 -9.71 -34.14
CA ASP C 245 -19.55 -10.95 -33.56
C ASP C 245 -19.38 -10.83 -32.05
N PRO C 246 -20.46 -11.08 -31.29
CA PRO C 246 -20.42 -11.00 -29.82
C PRO C 246 -19.30 -11.83 -29.18
N ASN C 247 -18.78 -12.83 -29.89
CA ASN C 247 -17.69 -13.63 -29.33
C ASN C 247 -16.31 -13.05 -29.68
N ASP C 248 -16.29 -11.98 -30.47
CA ASP C 248 -15.02 -11.35 -30.87
C ASP C 248 -14.35 -10.61 -29.71
N ALA C 249 -13.07 -10.88 -29.49
CA ALA C 249 -12.30 -10.16 -28.50
C ALA C 249 -12.54 -8.65 -28.64
N LEU C 250 -12.77 -8.20 -29.87
CA LEU C 250 -13.00 -6.79 -30.15
C LEU C 250 -14.11 -6.17 -29.30
N VAL C 251 -15.09 -6.99 -28.92
CA VAL C 251 -16.22 -6.48 -28.12
C VAL C 251 -16.31 -7.15 -26.75
N ARG C 252 -15.32 -7.96 -26.40
CA ARG C 252 -15.34 -8.65 -25.12
C ARG C 252 -14.25 -8.18 -24.13
N PHE C 253 -13.07 -7.80 -24.63
CA PHE C 253 -11.98 -7.38 -23.75
C PHE C 253 -11.55 -5.96 -24.05
N GLN C 254 -11.14 -5.24 -23.01
CA GLN C 254 -10.75 -3.85 -23.22
C GLN C 254 -9.54 -3.77 -24.17
N GLY C 255 -8.71 -4.81 -24.18
CA GLY C 255 -7.55 -4.82 -25.06
C GLY C 255 -7.88 -5.28 -26.46
N GLY C 256 -9.15 -5.61 -26.70
CA GLY C 256 -9.59 -6.06 -28.00
C GLY C 256 -8.80 -7.26 -28.47
N THR C 257 -8.37 -7.24 -29.73
CA THR C 257 -7.69 -8.40 -30.33
C THR C 257 -6.30 -8.69 -29.77
N PHE C 258 -5.72 -7.79 -28.98
CA PHE C 258 -4.43 -8.10 -28.35
C PHE C 258 -4.51 -9.35 -27.47
N VAL C 259 -5.67 -9.61 -26.86
CA VAL C 259 -5.81 -10.81 -26.03
C VAL C 259 -5.61 -12.07 -26.88
N ASP C 260 -5.94 -11.99 -28.16
CA ASP C 260 -5.77 -13.13 -29.07
C ASP C 260 -4.33 -13.29 -29.55
N ASN C 261 -3.49 -12.29 -29.34
CA ASN C 261 -2.07 -12.41 -29.75
C ASN C 261 -1.43 -13.58 -29.05
N PRO C 262 -0.63 -14.36 -29.81
CA PRO C 262 0.22 -15.36 -29.16
C PRO C 262 1.47 -14.67 -28.63
N ILE C 263 2.36 -15.44 -28.02
CA ILE C 263 3.69 -14.94 -27.73
C ILE C 263 4.48 -15.05 -29.04
N PHE C 264 4.84 -13.92 -29.64
CA PHE C 264 5.65 -13.94 -30.87
C PHE C 264 7.11 -14.23 -30.59
N LYS C 265 7.74 -15.01 -31.48
CA LYS C 265 9.14 -15.38 -31.30
C LYS C 265 10.00 -14.81 -32.41
N GLN C 266 11.27 -14.54 -32.10
CA GLN C 266 12.22 -14.04 -33.08
C GLN C 266 12.53 -15.11 -34.11
PA NAI D . -14.07 11.03 36.29
O1A NAI D . -15.34 12.17 36.08
O2A NAI D . -14.22 9.75 37.38
O5B NAI D . -12.47 11.64 36.05
C5B NAI D . -12.39 12.95 35.64
C4B NAI D . -11.44 13.85 36.42
O4B NAI D . -11.09 15.04 35.73
C3B NAI D . -11.91 14.19 37.76
O3B NAI D . -11.35 13.57 38.85
C2B NAI D . -12.14 15.64 37.72
O2B NAI D . -12.06 16.32 38.96
C1B NAI D . -11.24 16.11 36.65
N9A NAI D . -11.57 17.36 36.01
C8A NAI D . -12.85 17.77 35.56
N7A NAI D . -12.74 19.09 35.16
C5A NAI D . -11.40 19.49 35.37
C6A NAI D . -10.72 20.71 35.13
N6A NAI D . -11.45 21.81 34.59
N1A NAI D . -9.39 20.83 35.45
C2A NAI D . -8.69 19.77 36.01
N3A NAI D . -9.37 18.53 36.24
C4A NAI D . -10.70 18.43 35.93
O3 NAI D . -14.21 10.35 34.89
PN NAI D . -13.61 8.94 34.48
O1N NAI D . -12.43 8.54 35.36
O2N NAI D . -14.65 7.85 34.50
O5D NAI D . -13.13 9.11 33.00
C5D NAI D . -11.80 9.46 32.73
C4D NAI D . -11.68 10.06 31.26
O4D NAI D . -11.88 9.11 30.14
C3D NAI D . -12.51 11.30 30.88
O3D NAI D . -11.88 12.31 30.12
C2D NAI D . -13.72 10.70 30.31
O2D NAI D . -14.47 11.54 29.53
C1D NAI D . -13.25 9.36 29.72
N1N NAI D . -14.09 8.22 29.29
C2N NAI D . -14.37 7.26 30.31
C3N NAI D . -15.20 6.09 30.02
C7N NAI D . -15.43 5.11 31.15
O7N NAI D . -15.61 3.92 30.89
N7N NAI D . -15.23 5.54 32.51
C4N NAI D . -15.72 5.91 28.72
C5N NAI D . -15.43 6.90 27.67
C6N NAI D . -14.59 8.07 27.97
C1 15L E . -18.39 7.97 28.83
O1 15L E . -17.61 8.69 27.95
C2 15L E . -18.29 8.25 30.39
O2 15L E . -17.22 8.97 30.84
C3 15L E . -18.86 7.17 31.24
O3 15L E . -18.94 7.41 32.61
C4 15L E . -19.88 6.36 30.59
O4 15L E . -21.21 6.78 30.59
C5 15L E . -19.40 5.66 29.40
O5 15L E . -18.81 6.57 28.43
C6 15L E . -20.17 4.53 28.81
O6A 15L E . -20.63 4.70 27.52
O6B 15L E . -20.20 3.42 29.33
P PO4 F . 11.32 21.43 28.84
O1 PO4 F . 10.51 22.57 28.27
O2 PO4 F . 12.01 20.73 27.68
O3 PO4 F . 12.38 22.00 29.76
O4 PO4 F . 10.41 20.48 29.61
P PO4 G . -7.23 -3.15 39.19
O1 PO4 G . -7.95 -3.43 37.88
O2 PO4 G . -6.26 -4.27 39.49
O3 PO4 G . -6.47 -1.84 39.08
O4 PO4 G . -8.25 -3.05 40.30
P PO4 H . -15.45 -1.65 8.41
O1 PO4 H . -15.53 -2.12 6.97
O2 PO4 H . -14.26 -0.71 8.54
O3 PO4 H . -16.74 -0.94 8.77
O4 PO4 H . -15.25 -2.85 9.33
P PO4 I . -29.06 5.80 10.77
O1 PO4 I . -29.16 6.77 9.62
O2 PO4 I . -27.99 4.76 10.50
O3 PO4 I . -28.70 6.56 12.03
O4 PO4 I . -30.40 5.10 10.97
PA NAI J . 19.36 -15.48 -1.94
O1A NAI J . 20.11 -14.13 -2.69
O2A NAI J . 20.03 -16.00 -0.46
O5B NAI J . 18.63 -16.65 -2.98
C5B NAI J . 18.61 -16.33 -4.33
C4B NAI J . 19.32 -17.30 -5.27
O4B NAI J . 19.07 -17.10 -6.67
C3B NAI J . 20.77 -17.37 -5.07
O3B NAI J . 21.28 -18.46 -4.38
C2B NAI J . 21.38 -16.93 -6.35
O2B NAI J . 22.66 -17.47 -6.66
C1B NAI J . 20.32 -17.22 -7.35
N9A NAI J . 20.41 -16.42 -8.55
C8A NAI J . 20.66 -15.03 -8.62
N7A NAI J . 20.68 -14.70 -9.96
C5A NAI J . 20.43 -15.88 -10.70
C6A NAI J . 20.35 -16.11 -12.08
N6A NAI J . 20.56 -15.03 -12.99
N1A NAI J . 20.09 -17.40 -12.54
C2A NAI J . 19.91 -18.45 -11.66
N3A NAI J . 20.00 -18.21 -10.25
C4A NAI J . 20.25 -16.94 -9.81
O3 NAI J . 18.02 -14.77 -1.51
PN NAI J . 16.90 -15.38 -0.52
O1N NAI J . 17.12 -16.86 -0.26
O2N NAI J . 16.91 -14.58 0.77
O5D NAI J . 15.50 -15.18 -1.19
C5D NAI J . 14.94 -16.17 -2.01
C4D NAI J . 13.86 -15.51 -3.00
O4D NAI J . 12.63 -14.94 -2.39
C3D NAI J . 14.33 -14.43 -3.99
O3D NAI J . 13.82 -14.48 -5.32
C2D NAI J . 14.12 -13.20 -3.22
O2D NAI J . 14.05 -12.03 -3.95
C1D NAI J . 12.97 -13.52 -2.26
N1N NAI J . 12.57 -12.73 -1.05
C2N NAI J . 13.13 -13.13 0.20
C3N NAI J . 12.83 -12.40 1.43
C7N NAI J . 13.45 -12.89 2.72
O7N NAI J . 13.10 -12.40 3.79
N7N NAI J . 14.49 -13.90 2.68
C4N NAI J . 11.97 -11.28 1.38
C5N NAI J . 11.40 -10.86 0.10
C6N NAI J . 11.71 -11.60 -1.14
C1 15L K . 13.96 -8.72 0.14
O1 15L K . 13.00 -9.05 -0.78
C2 15L K . 15.26 -9.63 0.31
O2 15L K . 15.34 -10.76 -0.46
C3 15L K . 15.91 -9.62 1.65
O3 15L K . 17.20 -10.12 1.76
C4 15L K . 15.49 -8.57 2.60
O4 15L K . 16.30 -7.47 2.80
C5 15L K . 14.03 -8.42 2.65
O5 15L K . 13.54 -7.93 1.36
C6 15L K . 13.30 -7.97 3.88
O6A 15L K . 13.57 -8.40 4.99
O6B 15L K . 12.38 -6.97 3.71
P PO4 L . 7.06 -32.31 -20.21
O1 PO4 L . 5.84 -31.44 -20.50
O2 PO4 L . 7.57 -32.90 -21.51
O3 PO4 L . 8.17 -31.50 -19.59
O4 PO4 L . 6.66 -33.40 -19.24
P PO4 M . 23.91 3.16 -16.28
O1 PO4 M . 23.42 3.55 -17.65
O2 PO4 M . 25.26 3.81 -16.05
O3 PO4 M . 22.92 3.63 -15.23
O4 PO4 M . 24.01 1.64 -16.19
PA NAI N . 4.68 3.98 -33.64
O1A NAI N . 5.07 2.31 -33.67
O2A NAI N . 3.83 4.63 -34.96
O5B NAI N . 5.75 5.05 -32.84
C5B NAI N . 6.76 4.45 -32.14
C4B NAI N . 8.15 4.96 -32.49
O4B NAI N . 9.15 4.62 -31.53
C3B NAI N . 8.62 4.59 -33.83
O3B NAI N . 8.60 5.56 -34.84
C2B NAI N . 9.81 3.74 -33.61
O2B NAI N . 10.79 3.76 -34.64
C1B NAI N . 10.27 4.15 -32.28
N9A NAI N . 11.07 3.16 -31.58
C8A NAI N . 10.80 1.77 -31.46
N7A NAI N . 11.82 1.24 -30.72
C5A NAI N . 12.74 2.28 -30.43
C6A NAI N . 13.96 2.28 -29.74
N6A NAI N . 14.51 1.05 -29.27
N1A NAI N . 14.65 3.46 -29.56
C2A NAI N . 14.14 4.65 -30.06
N3A NAI N . 12.90 4.66 -30.78
C4A NAI N . 12.25 3.47 -30.94
O3 NAI N . 3.60 3.91 -32.50
PN NAI N . 2.46 4.98 -32.18
O1N NAI N . 2.81 6.36 -32.70
O2N NAI N . 1.12 4.50 -32.69
O5D NAI N . 2.39 5.09 -30.61
C5D NAI N . 3.19 6.00 -29.96
C4D NAI N . 3.35 5.57 -28.42
O4D NAI N . 2.12 5.63 -27.59
C3D NAI N . 3.98 4.21 -28.11
O3D NAI N . 4.84 4.15 -27.00
C2D NAI N . 2.81 3.34 -28.06
O2D NAI N . 2.99 2.14 -27.41
C1D NAI N . 1.68 4.25 -27.58
N1N NAI N . 0.22 3.97 -27.62
C2N NAI N . -0.41 4.39 -28.81
C3N NAI N . -1.84 4.17 -28.99
C7N NAI N . -2.47 4.66 -30.28
O7N NAI N . -3.67 4.86 -30.31
N7N NAI N . -1.62 5.06 -31.39
C4N NAI N . -2.58 3.54 -27.98
C5N NAI N . -1.92 3.11 -26.76
C6N NAI N . -0.48 3.33 -26.57
C1 15L O . -1.73 0.35 -28.56
O1 15L O . -1.05 0.51 -27.38
C2 15L O . -1.03 0.67 -29.93
O2 15L O . 0.12 1.41 -29.89
C3 15L O . -1.95 0.79 -31.09
O3 15L O . -1.40 0.89 -32.36
C4 15L O . -3.26 0.13 -30.91
O4 15L O . -3.41 -1.21 -31.23
C5 15L O . -4.00 0.65 -29.75
O5 15L O . -3.24 0.52 -28.51
C6 15L O . -5.46 0.39 -29.60
O6A 15L O . -6.29 0.84 -30.37
O6B 15L O . -5.84 -0.25 -28.44
P PO4 P . 20.53 20.17 -18.04
O1 PO4 P . 20.87 19.11 -19.05
O2 PO4 P . 20.40 19.52 -16.67
O3 PO4 P . 21.62 21.22 -18.06
O4 PO4 P . 19.21 20.85 -18.40
P PO4 Q . -4.51 16.95 -36.67
O1 PO4 Q . -5.06 18.16 -37.40
O2 PO4 Q . -3.45 16.30 -37.54
O3 PO4 Q . -3.90 17.37 -35.35
O4 PO4 Q . -5.64 15.97 -36.41
#